data_4P9U
#
_entry.id   4P9U
#
_cell.length_a   84.600
_cell.length_b   94.700
_cell.length_c   101.700
_cell.angle_alpha   89.800
_cell.angle_beta   114.600
_cell.angle_gamma   116.500
#
_symmetry.space_group_name_H-M   'P 1'
#
loop_
_entity.id
_entity.type
_entity.pdbx_description
1 polymer 'Fatty acid metabolism regulator protein'
2 polymer 'DNA (31-MER)'
3 polymer 'DNA (31-MER)'
#
loop_
_entity_poly.entity_id
_entity_poly.type
_entity_poly.pdbx_seq_one_letter_code
_entity_poly.pdbx_strand_id
1 'polypeptide(L)'
;KSPAGFAEKYIIESIWNGRFPPGSILPAERELSELIGVTRTTLREVLQRLARDGWLTIQHGKPTKVNQFMETSGLHILDT
LMTLDAENATSIVEDLLAARTNISPIFMRYAFKLNKESAERIMINVIESCEALVNAPSWDAFIAASPYAEKIQQHVKEDS
EKDELKRQEILIAKTFNFYDYMLFQRLAFHSGNQIYGLIFNGLKKLYDRVGSYYFSNPQARELAMEFYRQLLAVCQSGER
EHLPQVIRQYGIASGHIWNQMKMTLPSNFTED
;
E,F,A,B
2 'polydeoxyribonucleotide'
;(DC)(DT)(DT)(DA)(DG)(DG)(DC)(DA)(DA)(DC)(DT)(DG)(DG)(DT)(DC)(DA)(DA)(DA)(DC)(DC)
(DA)(DG)(DA)(DA)(DC)(DA)(DT)(DA)(DA)(DA)(DA)
;
G,C
3 'polydeoxyribonucleotide'
;(DT)(DT)(DT)(DT)(DA)(DT)(DG)(DT)(DT)(DC)(DT)(DG)(DG)(DT)(DT)(DT)(DG)(DA)(DC)(DC)
(DA)(DG)(DT)(DT)(DG)(DC)(DC)(DT)(DA)(DA)(DG)
;
H,D
#
# COMPACT_ATOMS: atom_id res chain seq x y z
N LYS A 1 19.47 -34.43 14.92
CA LYS A 1 19.53 -33.39 13.90
C LYS A 1 18.20 -33.24 13.18
N SER A 2 18.03 -32.12 12.49
CA SER A 2 16.78 -31.85 11.80
C SER A 2 16.95 -32.05 10.30
N PRO A 3 15.89 -32.50 9.61
CA PRO A 3 15.96 -32.91 8.21
C PRO A 3 16.53 -31.81 7.30
N ALA A 4 15.81 -30.70 7.19
CA ALA A 4 16.20 -29.61 6.31
C ALA A 4 17.58 -29.05 6.66
N GLY A 5 17.85 -28.91 7.95
CA GLY A 5 19.12 -28.37 8.41
C GLY A 5 20.26 -29.29 8.02
N PHE A 6 20.04 -30.59 8.15
CA PHE A 6 21.07 -31.55 7.80
C PHE A 6 21.28 -31.58 6.30
N ALA A 7 20.20 -31.43 5.55
CA ALA A 7 20.29 -31.40 4.10
C ALA A 7 21.13 -30.22 3.64
N GLU A 8 20.87 -29.05 4.23
CA GLU A 8 21.62 -27.87 3.87
C GLU A 8 23.09 -28.01 4.24
N LYS A 9 23.38 -28.51 5.45
CA LYS A 9 24.77 -28.62 5.86
C LYS A 9 25.50 -29.66 5.00
N TYR A 10 24.80 -30.73 4.66
CA TYR A 10 25.34 -31.77 3.79
C TYR A 10 25.69 -31.25 2.40
N ILE A 11 24.75 -30.54 1.78
CA ILE A 11 24.98 -30.03 0.44
C ILE A 11 26.11 -29.00 0.44
N ILE A 12 26.05 -28.04 1.37
CA ILE A 12 27.08 -27.00 1.42
C ILE A 12 28.46 -27.61 1.63
N GLU A 13 28.56 -28.54 2.57
CA GLU A 13 29.84 -29.19 2.85
C GLU A 13 30.33 -30.02 1.67
N SER A 14 29.39 -30.66 0.96
CA SER A 14 29.75 -31.46 -0.19
C SER A 14 30.27 -30.58 -1.31
N ILE A 15 29.74 -29.37 -1.40
CA ILE A 15 30.24 -28.40 -2.37
C ILE A 15 31.62 -27.90 -1.97
N TRP A 16 31.83 -27.74 -0.66
CA TRP A 16 33.11 -27.21 -0.18
C TRP A 16 34.26 -28.20 -0.31
N ASN A 17 34.04 -29.44 0.12
CA ASN A 17 35.13 -30.42 0.15
C ASN A 17 35.42 -31.02 -1.22
N GLY A 18 34.48 -30.88 -2.15
CA GLY A 18 34.74 -31.26 -3.52
C GLY A 18 33.89 -32.41 -4.04
N ARG A 19 32.83 -32.74 -3.33
CA ARG A 19 31.96 -33.83 -3.76
C ARG A 19 30.95 -33.32 -4.79
N PHE A 20 30.48 -32.08 -4.58
CA PHE A 20 29.73 -31.36 -5.59
C PHE A 20 30.50 -30.11 -5.97
N PRO A 21 31.60 -30.27 -6.74
CA PRO A 21 32.51 -29.15 -6.99
C PRO A 21 31.84 -28.02 -7.75
N PRO A 22 32.26 -26.78 -7.48
CA PRO A 22 31.77 -25.62 -8.25
C PRO A 22 32.05 -25.78 -9.74
N GLY A 23 31.02 -25.65 -10.56
CA GLY A 23 31.14 -25.80 -11.99
C GLY A 23 30.51 -27.08 -12.51
N SER A 24 30.24 -28.01 -11.61
CA SER A 24 29.60 -29.27 -11.98
C SER A 24 28.09 -29.13 -11.93
N ILE A 25 27.38 -30.24 -12.06
CA ILE A 25 25.93 -30.24 -11.96
C ILE A 25 25.46 -31.07 -10.77
N LEU A 26 24.64 -30.46 -9.92
CA LEU A 26 24.05 -31.16 -8.79
C LEU A 26 23.13 -32.25 -9.35
N PRO A 27 23.23 -33.47 -8.80
CA PRO A 27 22.41 -34.57 -9.29
C PRO A 27 20.91 -34.26 -9.14
N ALA A 28 20.06 -35.01 -9.83
CA ALA A 28 18.62 -34.74 -9.81
C ALA A 28 18.06 -34.76 -8.39
N GLU A 29 16.99 -33.99 -8.18
CA GLU A 29 16.38 -33.85 -6.86
C GLU A 29 15.93 -35.19 -6.29
N ARG A 30 15.35 -36.02 -7.17
CA ARG A 30 14.90 -37.35 -6.79
C ARG A 30 16.04 -38.23 -6.29
N GLU A 31 17.23 -37.99 -6.80
CA GLU A 31 18.40 -38.77 -6.40
C GLU A 31 19.01 -38.29 -5.09
N LEU A 32 19.06 -36.98 -4.87
CA LEU A 32 19.57 -36.44 -3.61
C LEU A 32 18.62 -36.76 -2.48
N SER A 33 17.34 -36.89 -2.80
CA SER A 33 16.35 -37.26 -1.80
C SER A 33 16.65 -38.62 -1.17
N GLU A 34 17.16 -39.56 -1.96
CA GLU A 34 17.52 -40.88 -1.43
C GLU A 34 19.00 -40.99 -1.11
N LEU A 35 19.79 -40.01 -1.55
CA LEU A 35 21.21 -39.98 -1.25
C LEU A 35 21.45 -39.39 0.13
N ILE A 36 20.60 -38.46 0.52
CA ILE A 36 20.76 -37.74 1.80
C ILE A 36 19.94 -38.38 2.91
N GLY A 37 18.68 -38.69 2.63
CA GLY A 37 17.80 -39.30 3.61
C GLY A 37 16.62 -38.42 3.97
N VAL A 38 16.38 -37.39 3.16
CA VAL A 38 15.24 -36.50 3.37
C VAL A 38 14.24 -36.65 2.22
N THR A 39 12.98 -36.31 2.49
CA THR A 39 11.95 -36.37 1.45
C THR A 39 12.26 -35.33 0.38
N ARG A 40 11.63 -35.46 -0.78
CA ARG A 40 11.95 -34.57 -1.89
C ARG A 40 11.56 -33.13 -1.56
N THR A 41 10.36 -32.93 -1.05
CA THR A 41 9.85 -31.59 -0.71
C THR A 41 10.80 -30.77 0.17
N THR A 42 11.20 -31.37 1.29
CA THR A 42 12.13 -30.75 2.23
C THR A 42 13.43 -30.37 1.53
N LEU A 43 13.94 -31.31 0.74
CA LEU A 43 15.16 -31.10 -0.03
C LEU A 43 14.99 -29.94 -0.99
N ARG A 44 13.78 -29.75 -1.52
CA ARG A 44 13.50 -28.67 -2.45
C ARG A 44 13.48 -27.33 -1.74
N GLU A 45 12.97 -27.30 -0.51
CA GLU A 45 13.00 -26.06 0.27
C GLU A 45 14.45 -25.68 0.58
N VAL A 46 15.24 -26.69 0.97
CA VAL A 46 16.66 -26.48 1.18
C VAL A 46 17.33 -25.92 -0.07
N LEU A 47 16.99 -26.50 -1.23
CA LEU A 47 17.57 -26.09 -2.50
C LEU A 47 17.21 -24.66 -2.85
N GLN A 48 15.96 -24.29 -2.60
CA GLN A 48 15.51 -22.93 -2.88
C GLN A 48 16.27 -21.94 -2.00
N ARG A 49 16.44 -22.29 -0.73
CA ARG A 49 17.22 -21.46 0.18
C ARG A 49 18.64 -21.27 -0.34
N LEU A 50 19.32 -22.39 -0.62
CA LEU A 50 20.70 -22.35 -1.06
C LEU A 50 20.89 -21.57 -2.36
N ALA A 51 19.98 -21.79 -3.31
CA ALA A 51 20.03 -21.10 -4.60
C ALA A 51 19.83 -19.61 -4.40
N ARG A 52 18.96 -19.26 -3.45
CA ARG A 52 18.73 -17.87 -3.13
C ARG A 52 19.97 -17.27 -2.46
N ASP A 53 20.77 -18.13 -1.83
CA ASP A 53 22.03 -17.69 -1.25
C ASP A 53 23.16 -17.60 -2.28
N GLY A 54 22.97 -18.25 -3.42
CA GLY A 54 23.91 -18.15 -4.53
C GLY A 54 24.83 -19.35 -4.65
N TRP A 55 24.43 -20.48 -4.10
CA TRP A 55 25.22 -21.71 -4.19
C TRP A 55 24.90 -22.49 -5.44
N LEU A 56 23.68 -22.30 -5.95
CA LEU A 56 23.19 -23.08 -7.08
C LEU A 56 22.52 -22.20 -8.12
N THR A 57 22.37 -22.74 -9.32
CA THR A 57 21.53 -22.12 -10.33
C THR A 57 20.44 -23.10 -10.73
N ILE A 58 19.19 -22.74 -10.46
CA ILE A 58 18.08 -23.63 -10.73
C ILE A 58 17.14 -23.03 -11.78
N GLN A 59 16.69 -23.89 -12.69
CA GLN A 59 15.66 -23.54 -13.67
C GLN A 59 15.19 -24.86 -14.26
N HIS A 60 13.88 -25.05 -14.38
CA HIS A 60 13.39 -26.40 -14.62
C HIS A 60 13.49 -26.83 -16.07
N GLY A 61 13.72 -28.13 -16.26
CA GLY A 61 14.11 -28.69 -17.54
C GLY A 61 15.62 -28.89 -17.58
N LYS A 62 16.36 -27.90 -17.09
CA LYS A 62 17.81 -28.00 -17.05
C LYS A 62 18.27 -28.58 -15.71
N PRO A 63 19.45 -29.23 -15.70
CA PRO A 63 19.97 -29.78 -14.44
C PRO A 63 20.42 -28.66 -13.51
N THR A 64 20.24 -28.86 -12.21
CA THR A 64 20.70 -27.89 -11.22
C THR A 64 22.21 -27.79 -11.31
N LYS A 65 22.71 -26.58 -11.55
CA LYS A 65 24.14 -26.38 -11.73
C LYS A 65 24.74 -25.80 -10.47
N VAL A 66 25.85 -26.37 -10.02
CA VAL A 66 26.53 -25.89 -8.83
C VAL A 66 27.33 -24.63 -9.17
N ASN A 67 26.88 -23.50 -8.67
CA ASN A 67 27.51 -22.21 -8.95
C ASN A 67 28.96 -22.12 -8.51
N GLN A 68 29.69 -21.21 -9.13
CA GLN A 68 31.00 -20.82 -8.64
C GLN A 68 30.80 -19.75 -7.59
N PHE A 69 30.53 -20.14 -6.35
CA PHE A 69 30.36 -19.16 -5.28
C PHE A 69 31.66 -18.35 -5.15
N MET A 70 31.57 -17.25 -4.41
CA MET A 70 32.58 -16.19 -4.37
C MET A 70 32.44 -15.32 -5.62
N GLU A 71 31.58 -15.77 -6.53
CA GLU A 71 31.28 -15.03 -7.75
C GLU A 71 29.77 -14.83 -7.86
N THR A 72 29.03 -15.57 -7.02
CA THR A 72 27.58 -15.48 -7.03
C THR A 72 27.02 -15.10 -5.66
N SER A 73 27.69 -15.52 -4.59
CA SER A 73 27.19 -15.28 -3.25
C SER A 73 27.58 -13.88 -2.77
N GLY A 74 26.96 -13.44 -1.67
CA GLY A 74 27.18 -12.09 -1.16
C GLY A 74 28.01 -12.07 0.10
N LEU A 75 27.87 -10.99 0.88
CA LEU A 75 28.68 -10.78 2.07
C LEU A 75 28.41 -11.81 3.18
N HIS A 76 27.38 -12.63 2.98
CA HIS A 76 26.94 -13.58 4.01
C HIS A 76 27.86 -14.80 4.14
N ILE A 77 28.41 -15.27 3.03
CA ILE A 77 29.25 -16.47 3.07
C ILE A 77 30.47 -16.35 3.97
N LEU A 78 30.89 -15.13 4.29
CA LEU A 78 32.06 -14.95 5.15
C LEU A 78 31.91 -15.65 6.49
N ASP A 79 30.69 -15.70 7.00
CA ASP A 79 30.40 -16.41 8.24
C ASP A 79 30.52 -17.92 8.04
N THR A 80 29.88 -18.42 6.98
CA THR A 80 29.88 -19.85 6.65
C THR A 80 31.29 -20.37 6.39
N LEU A 81 32.10 -19.57 5.71
CA LEU A 81 33.48 -19.88 5.41
C LEU A 81 34.29 -20.09 6.69
N MET A 82 33.94 -19.35 7.74
CA MET A 82 34.59 -19.51 9.04
C MET A 82 34.42 -20.92 9.59
N THR A 83 33.25 -21.52 9.37
CA THR A 83 32.98 -22.83 9.92
C THR A 83 33.24 -23.92 8.88
N LEU A 84 33.57 -23.49 7.66
CA LEU A 84 33.96 -24.40 6.58
C LEU A 84 35.46 -24.39 6.33
N ASP A 85 36.07 -23.24 6.58
CA ASP A 85 37.49 -23.08 6.36
C ASP A 85 38.06 -22.53 7.66
N ALA A 86 37.98 -23.33 8.72
CA ALA A 86 38.42 -22.90 10.07
C ALA A 86 39.91 -22.62 10.15
N GLU A 87 40.68 -23.41 9.41
CA GLU A 87 42.11 -23.23 9.26
C GLU A 87 42.45 -21.79 8.89
N ASN A 88 41.54 -21.16 8.14
CA ASN A 88 41.76 -19.80 7.66
C ASN A 88 40.83 -18.78 8.31
N ALA A 89 40.24 -19.16 9.44
CA ALA A 89 39.45 -18.23 10.24
C ALA A 89 40.32 -17.06 10.67
N THR A 90 41.62 -17.30 10.74
CA THR A 90 42.60 -16.27 10.99
C THR A 90 42.45 -15.11 10.01
N SER A 91 42.39 -15.42 8.71
CA SER A 91 42.42 -14.36 7.70
C SER A 91 41.09 -13.62 7.60
N ILE A 92 39.98 -14.36 7.58
CA ILE A 92 38.65 -13.78 7.38
C ILE A 92 38.37 -12.61 8.31
N VAL A 93 38.58 -12.83 9.61
CA VAL A 93 38.35 -11.79 10.59
C VAL A 93 39.16 -10.54 10.27
N GLU A 94 40.43 -10.72 9.90
CA GLU A 94 41.27 -9.56 9.62
C GLU A 94 40.86 -8.86 8.32
N ASP A 95 40.11 -9.55 7.45
CA ASP A 95 39.48 -8.85 6.35
C ASP A 95 38.36 -7.98 6.92
N LEU A 96 37.53 -8.59 7.76
CA LEU A 96 36.41 -7.88 8.39
C LEU A 96 36.89 -6.65 9.15
N LEU A 97 38.02 -6.81 9.83
CA LEU A 97 38.60 -5.71 10.60
C LEU A 97 39.21 -4.67 9.68
N ALA A 98 39.76 -5.11 8.55
CA ALA A 98 40.41 -4.19 7.62
C ALA A 98 39.37 -3.35 6.90
N ALA A 99 38.39 -4.01 6.31
CA ALA A 99 37.30 -3.35 5.60
C ALA A 99 36.64 -2.28 6.46
N ARG A 100 36.27 -2.64 7.68
CA ARG A 100 35.63 -1.69 8.58
C ARG A 100 36.54 -0.50 8.85
N THR A 101 37.84 -0.76 8.94
CA THR A 101 38.80 0.31 9.21
C THR A 101 38.98 1.19 7.97
N ASN A 102 38.71 0.61 6.80
CA ASN A 102 38.89 1.34 5.55
C ASN A 102 37.72 2.24 5.21
N ILE A 103 36.51 1.70 5.38
CA ILE A 103 35.31 2.40 4.92
C ILE A 103 34.63 3.21 6.03
N SER A 104 35.10 3.06 7.27
CA SER A 104 34.56 3.85 8.37
C SER A 104 34.84 5.35 8.22
N PRO A 105 36.06 5.74 7.78
CA PRO A 105 36.23 7.18 7.57
C PRO A 105 35.35 7.72 6.44
N ILE A 106 34.85 6.84 5.58
CA ILE A 106 34.03 7.26 4.46
C ILE A 106 32.61 7.60 4.91
N PHE A 107 31.94 6.68 5.60
CA PHE A 107 30.53 6.92 5.94
C PHE A 107 30.35 7.78 7.19
N MET A 108 31.29 7.71 8.12
CA MET A 108 31.19 8.52 9.33
C MET A 108 31.36 9.97 8.94
N ARG A 109 32.24 10.19 7.96
CA ARG A 109 32.47 11.51 7.39
C ARG A 109 31.16 12.20 7.15
N TYR A 110 30.43 11.62 6.20
CA TYR A 110 29.19 12.19 5.71
C TYR A 110 28.18 12.23 6.84
N ALA A 111 28.24 11.21 7.69
CA ALA A 111 27.28 11.07 8.77
C ALA A 111 27.43 12.23 9.74
N PHE A 112 28.66 12.70 9.90
CA PHE A 112 28.91 13.78 10.83
C PHE A 112 28.53 15.14 10.29
N LYS A 113 28.33 15.24 8.97
CA LYS A 113 27.93 16.53 8.42
C LYS A 113 26.45 16.61 8.09
N LEU A 114 25.93 15.55 7.48
CA LEU A 114 24.54 15.52 7.05
C LEU A 114 23.61 15.40 8.25
N ASN A 115 23.76 14.32 9.02
CA ASN A 115 22.93 14.11 10.20
C ASN A 115 23.80 14.19 11.44
N LYS A 116 24.35 15.36 11.71
CA LYS A 116 25.31 15.50 12.80
C LYS A 116 24.86 15.01 14.19
N GLU A 117 23.74 15.47 14.73
CA GLU A 117 23.38 14.99 16.06
C GLU A 117 22.25 13.96 16.15
N SER A 118 21.85 13.42 14.99
CA SER A 118 21.33 12.05 14.97
C SER A 118 22.55 11.14 15.20
N ALA A 119 23.70 11.55 14.66
CA ALA A 119 24.94 10.85 14.91
C ALA A 119 25.26 10.99 16.41
N GLU A 120 25.40 12.23 16.89
CA GLU A 120 25.67 12.49 18.31
C GLU A 120 24.68 11.79 19.26
N ARG A 121 23.40 11.74 18.91
CA ARG A 121 22.45 11.09 19.81
C ARG A 121 22.65 9.58 19.86
N ILE A 122 22.80 8.91 18.71
CA ILE A 122 22.99 7.46 18.81
C ILE A 122 24.35 7.10 19.40
N MET A 123 25.34 7.96 19.18
CA MET A 123 26.67 7.72 19.75
C MET A 123 26.67 7.85 21.27
N ILE A 124 26.07 8.93 21.77
CA ILE A 124 25.92 9.12 23.21
C ILE A 124 25.11 7.97 23.81
N ASN A 125 24.03 7.61 23.13
CA ASN A 125 23.22 6.46 23.53
C ASN A 125 24.07 5.21 23.73
N VAL A 126 24.95 4.95 22.77
CA VAL A 126 25.84 3.79 22.84
C VAL A 126 26.80 3.89 24.02
N ILE A 127 27.47 5.03 24.15
CA ILE A 127 28.46 5.24 25.20
C ILE A 127 27.86 5.10 26.60
N GLU A 128 26.71 5.70 26.83
CA GLU A 128 26.10 5.64 28.14
C GLU A 128 25.45 4.29 28.42
N SER A 129 24.95 3.63 27.38
CA SER A 129 24.45 2.26 27.55
C SER A 129 25.60 1.27 27.72
N CYS A 130 26.81 1.71 27.37
CA CYS A 130 27.99 0.87 27.52
C CYS A 130 28.57 1.01 28.92
N GLU A 131 27.72 1.34 29.88
CA GLU A 131 28.10 1.34 31.28
C GLU A 131 27.64 0.03 31.92
N ALA A 132 27.76 -1.04 31.14
CA ALA A 132 27.61 -2.39 31.68
C ALA A 132 28.93 -2.77 32.35
N LEU A 133 29.92 -1.90 32.17
CA LEU A 133 31.26 -2.12 32.70
C LEU A 133 31.41 -1.62 34.14
N VAL A 134 31.00 -0.39 34.39
CA VAL A 134 31.12 0.17 35.73
C VAL A 134 29.96 -0.26 36.63
N ASN A 135 29.49 -1.49 36.43
CA ASN A 135 28.40 -2.05 37.22
C ASN A 135 28.57 -3.52 37.57
N ALA A 136 27.91 -3.89 38.65
CA ALA A 136 27.77 -5.26 39.09
C ALA A 136 27.11 -6.11 38.00
N PRO A 137 27.44 -7.41 37.94
CA PRO A 137 27.16 -8.34 36.84
C PRO A 137 25.74 -8.40 36.26
N SER A 138 24.73 -8.06 37.04
CA SER A 138 23.42 -7.96 36.45
C SER A 138 22.94 -6.53 36.42
N TRP A 139 23.11 -5.96 35.24
CA TRP A 139 22.78 -4.57 34.98
C TRP A 139 21.51 -4.62 34.14
N ASP A 140 20.92 -5.80 34.03
CA ASP A 140 19.76 -5.99 33.17
C ASP A 140 18.52 -5.43 33.87
N ALA A 141 18.74 -4.49 34.81
CA ALA A 141 17.69 -3.65 35.38
C ALA A 141 18.00 -2.15 35.21
N PHE A 142 17.98 -1.69 33.97
CA PHE A 142 18.28 -0.34 33.55
C PHE A 142 17.64 -0.31 32.14
N ILE A 143 18.10 0.60 31.28
CA ILE A 143 17.87 0.58 29.82
C ILE A 143 16.38 0.61 29.38
N ALA A 144 15.47 0.09 30.21
CA ALA A 144 14.35 -0.73 29.70
C ALA A 144 15.05 -1.84 28.95
N ALA A 145 15.66 -2.72 29.74
CA ALA A 145 16.49 -3.80 29.23
C ALA A 145 15.64 -4.99 28.90
N SER A 146 14.52 -4.72 28.26
CA SER A 146 13.66 -5.77 27.80
C SER A 146 14.03 -6.27 26.39
N PRO A 147 14.15 -5.37 25.40
CA PRO A 147 14.39 -5.94 24.07
C PRO A 147 15.79 -6.53 23.87
N TYR A 148 16.04 -7.68 24.50
CA TYR A 148 17.29 -8.38 24.29
C TYR A 148 17.04 -9.84 23.97
N ALA A 149 16.37 -10.04 22.83
CA ALA A 149 16.22 -11.37 22.26
C ALA A 149 17.48 -11.70 21.46
N GLU A 150 18.32 -10.68 21.24
CA GLU A 150 19.61 -10.89 20.58
C GLU A 150 20.66 -11.44 21.52
N LYS A 151 20.70 -10.94 22.75
CA LYS A 151 21.61 -11.55 23.70
C LYS A 151 20.86 -12.54 24.60
N ILE A 152 21.08 -13.80 24.26
CA ILE A 152 20.49 -14.94 24.93
C ILE A 152 21.60 -15.97 24.93
N GLN A 153 21.81 -16.65 26.06
CA GLN A 153 22.82 -17.68 26.08
C GLN A 153 22.43 -18.84 26.96
N GLN A 154 22.31 -19.99 26.32
CA GLN A 154 22.18 -21.23 27.04
C GLN A 154 23.60 -21.86 27.14
N HIS A 155 24.35 -21.45 28.15
CA HIS A 155 25.57 -22.21 28.39
C HIS A 155 25.21 -23.47 29.10
N VAL A 156 25.63 -24.59 28.52
CA VAL A 156 25.53 -25.86 29.21
C VAL A 156 26.77 -26.72 28.84
N LYS A 157 27.89 -26.08 28.52
CA LYS A 157 29.18 -26.79 28.57
C LYS A 157 29.65 -26.65 30.01
N GLU A 158 29.17 -27.57 30.86
CA GLU A 158 29.33 -27.45 32.32
C GLU A 158 29.45 -28.72 33.14
N ASP A 159 30.00 -28.50 34.31
CA ASP A 159 30.40 -29.56 35.19
C ASP A 159 30.16 -29.08 36.64
N SER A 160 30.31 -27.77 36.84
CA SER A 160 30.49 -27.22 38.18
C SER A 160 29.65 -25.99 38.52
N GLU A 161 30.08 -25.28 39.55
CA GLU A 161 29.38 -24.11 40.03
C GLU A 161 30.13 -22.87 39.56
N LYS A 162 30.27 -22.74 38.25
CA LYS A 162 30.86 -21.53 37.67
C LYS A 162 30.20 -21.17 36.36
N ASP A 163 29.20 -21.97 35.99
CA ASP A 163 28.26 -21.61 34.92
C ASP A 163 27.43 -20.37 35.16
N GLU A 164 27.64 -19.72 36.30
CA GLU A 164 26.89 -18.50 36.53
C GLU A 164 27.81 -17.30 36.63
N LEU A 165 29.11 -17.54 36.67
CA LEU A 165 30.06 -16.43 36.53
C LEU A 165 30.74 -16.43 35.18
N LYS A 166 30.81 -17.58 34.51
CA LYS A 166 31.34 -17.59 33.15
C LYS A 166 30.26 -17.03 32.23
N ARG A 167 29.01 -17.34 32.56
CA ARG A 167 27.92 -17.04 31.64
C ARG A 167 27.74 -15.55 31.53
N GLN A 168 27.92 -14.86 32.65
CA GLN A 168 27.74 -13.42 32.72
C GLN A 168 28.89 -12.69 32.04
N GLU A 169 30.07 -13.30 32.02
CA GLU A 169 31.19 -12.73 31.28
C GLU A 169 30.89 -12.80 29.80
N ILE A 170 30.43 -13.96 29.35
CA ILE A 170 30.07 -14.08 27.94
C ILE A 170 28.90 -13.14 27.58
N LEU A 171 28.01 -12.93 28.55
CA LEU A 171 26.85 -12.06 28.35
C LEU A 171 27.34 -10.62 28.16
N ILE A 172 28.39 -10.26 28.91
CA ILE A 172 29.00 -8.94 28.81
C ILE A 172 29.67 -8.75 27.45
N ALA A 173 30.38 -9.78 27.01
CA ALA A 173 30.99 -9.74 25.69
C ALA A 173 29.91 -9.52 24.62
N LYS A 174 28.83 -10.29 24.74
CA LYS A 174 27.73 -10.22 23.79
C LYS A 174 27.06 -8.85 23.79
N THR A 175 26.92 -8.23 24.96
CA THR A 175 26.24 -6.93 25.01
C THR A 175 27.11 -5.81 24.46
N PHE A 176 28.40 -5.86 24.76
CA PHE A 176 29.28 -4.82 24.29
C PHE A 176 29.37 -4.92 22.78
N ASN A 177 29.37 -6.16 22.29
CA ASN A 177 29.31 -6.39 20.85
C ASN A 177 28.01 -5.86 20.24
N PHE A 178 26.91 -6.08 20.94
CA PHE A 178 25.60 -5.60 20.54
C PHE A 178 25.62 -4.09 20.28
N TYR A 179 26.18 -3.36 21.26
CA TYR A 179 26.21 -1.90 21.14
C TYR A 179 27.26 -1.40 20.15
N ASP A 180 28.37 -2.12 20.03
CA ASP A 180 29.40 -1.80 19.05
C ASP A 180 28.80 -1.85 17.63
N TYR A 181 28.17 -2.98 17.33
CA TYR A 181 27.52 -3.16 16.04
C TYR A 181 26.45 -2.10 15.83
N MET A 182 25.68 -1.81 16.88
CA MET A 182 24.67 -0.75 16.79
C MET A 182 25.31 0.56 16.35
N LEU A 183 26.43 0.90 16.98
CA LEU A 183 27.14 2.14 16.66
C LEU A 183 27.53 2.19 15.20
N PHE A 184 28.33 1.20 14.78
CA PHE A 184 28.87 1.23 13.42
C PHE A 184 27.78 1.18 12.35
N GLN A 185 26.76 0.34 12.55
CA GLN A 185 25.72 0.18 11.55
C GLN A 185 24.81 1.41 11.47
N ARG A 186 24.34 1.87 12.62
CA ARG A 186 23.46 3.04 12.66
C ARG A 186 24.18 4.28 12.13
N LEU A 187 25.47 4.40 12.42
CA LEU A 187 26.25 5.50 11.85
C LEU A 187 26.44 5.29 10.34
N ALA A 188 26.45 4.03 9.91
CA ALA A 188 26.64 3.72 8.50
C ALA A 188 25.39 3.98 7.67
N PHE A 189 24.23 4.04 8.32
CA PHE A 189 23.01 4.39 7.60
C PHE A 189 22.78 5.89 7.57
N HIS A 190 23.28 6.59 8.57
CA HIS A 190 23.10 8.04 8.66
C HIS A 190 24.12 8.80 7.83
N SER A 191 24.70 8.12 6.85
CA SER A 191 25.63 8.75 5.91
C SER A 191 24.86 9.26 4.70
N GLY A 192 23.60 8.87 4.61
CA GLY A 192 22.76 9.25 3.48
C GLY A 192 22.86 8.25 2.35
N ASN A 193 23.75 7.28 2.50
CA ASN A 193 23.92 6.23 1.52
C ASN A 193 23.62 4.87 2.16
N GLN A 194 22.58 4.21 1.68
CA GLN A 194 22.11 2.97 2.27
C GLN A 194 23.15 1.87 2.22
N ILE A 195 23.90 1.82 1.13
CA ILE A 195 24.85 0.74 0.86
C ILE A 195 25.80 0.46 2.04
N TYR A 196 26.27 1.52 2.69
CA TYR A 196 27.15 1.36 3.84
C TYR A 196 26.46 0.66 5.01
N GLY A 197 25.15 0.86 5.13
CA GLY A 197 24.38 0.19 6.16
C GLY A 197 24.10 -1.25 5.78
N LEU A 198 23.78 -1.46 4.50
CA LEU A 198 23.50 -2.81 4.00
C LEU A 198 24.73 -3.70 4.10
N ILE A 199 25.91 -3.09 3.98
CA ILE A 199 27.17 -3.81 4.13
C ILE A 199 27.26 -4.42 5.53
N PHE A 200 27.00 -3.59 6.54
CA PHE A 200 27.01 -4.06 7.92
C PHE A 200 25.91 -5.09 8.16
N ASN A 201 24.73 -4.86 7.59
CA ASN A 201 23.66 -5.84 7.69
C ASN A 201 24.06 -7.21 7.14
N GLY A 202 24.83 -7.20 6.06
CA GLY A 202 25.28 -8.43 5.45
C GLY A 202 26.31 -9.16 6.28
N LEU A 203 27.19 -8.40 6.94
CA LEU A 203 28.29 -8.98 7.70
C LEU A 203 27.95 -9.21 9.17
N LYS A 204 26.67 -9.09 9.52
CA LYS A 204 26.27 -9.04 10.92
C LYS A 204 26.60 -10.32 11.70
N LYS A 205 26.42 -11.49 11.09
CA LYS A 205 26.68 -12.74 11.80
C LYS A 205 28.17 -12.86 12.12
N LEU A 206 29.00 -12.52 11.14
CA LEU A 206 30.44 -12.51 11.34
C LEU A 206 30.83 -11.47 12.38
N TYR A 207 30.19 -10.32 12.30
CA TYR A 207 30.45 -9.20 13.21
C TYR A 207 30.19 -9.59 14.66
N ASP A 208 29.06 -10.24 14.88
CA ASP A 208 28.64 -10.68 16.20
C ASP A 208 29.50 -11.83 16.71
N ARG A 209 29.81 -12.77 15.84
CA ARG A 209 30.68 -13.89 16.23
C ARG A 209 32.05 -13.39 16.67
N VAL A 210 32.62 -12.45 15.91
CA VAL A 210 33.92 -11.91 16.26
C VAL A 210 33.84 -11.07 17.53
N GLY A 211 32.81 -10.24 17.63
CA GLY A 211 32.66 -9.35 18.76
C GLY A 211 32.38 -10.04 20.09
N SER A 212 31.64 -11.15 20.03
CA SER A 212 31.27 -11.87 21.24
C SER A 212 32.46 -12.52 21.93
N TYR A 213 33.58 -12.62 21.22
CA TYR A 213 34.80 -13.13 21.82
C TYR A 213 35.81 -12.01 22.05
N TYR A 214 35.90 -11.09 21.08
CA TYR A 214 36.82 -9.96 21.20
C TYR A 214 36.47 -9.08 22.40
N PHE A 215 35.19 -9.02 22.75
CA PHE A 215 34.76 -8.17 23.85
C PHE A 215 34.62 -8.97 25.14
N SER A 216 35.25 -10.14 25.19
CA SER A 216 35.37 -10.89 26.42
C SER A 216 36.64 -10.45 27.13
N ASN A 217 37.29 -9.44 26.55
CA ASN A 217 38.50 -8.87 27.10
C ASN A 217 38.22 -7.42 27.50
N PRO A 218 38.27 -7.12 28.81
CA PRO A 218 37.99 -5.77 29.32
C PRO A 218 38.91 -4.73 28.68
N GLN A 219 40.13 -5.17 28.38
CA GLN A 219 41.17 -4.34 27.80
C GLN A 219 40.74 -3.79 26.45
N ALA A 220 39.89 -4.53 25.78
CA ALA A 220 39.34 -4.14 24.49
C ALA A 220 38.14 -3.22 24.66
N ARG A 221 37.30 -3.54 25.63
CA ARG A 221 36.10 -2.77 25.90
C ARG A 221 36.43 -1.33 26.29
N GLU A 222 37.53 -1.14 27.02
CA GLU A 222 37.86 0.22 27.44
C GLU A 222 38.39 1.09 26.30
N LEU A 223 39.15 0.46 25.40
CA LEU A 223 39.60 1.12 24.18
C LEU A 223 38.42 1.42 23.24
N ALA A 224 37.44 0.54 23.25
CA ALA A 224 36.25 0.72 22.42
C ALA A 224 35.49 1.94 22.91
N MET A 225 35.32 2.05 24.22
CA MET A 225 34.62 3.20 24.78
C MET A 225 35.39 4.50 24.53
N GLU A 226 36.72 4.44 24.66
CA GLU A 226 37.54 5.61 24.40
C GLU A 226 37.44 6.06 22.94
N PHE A 227 37.39 5.07 22.05
CA PHE A 227 37.19 5.32 20.63
C PHE A 227 35.86 6.01 20.40
N TYR A 228 34.82 5.51 21.05
CA TYR A 228 33.49 6.09 20.95
C TYR A 228 33.47 7.55 21.37
N ARG A 229 34.12 7.86 22.49
CA ARG A 229 34.13 9.23 22.99
C ARG A 229 34.97 10.15 22.11
N GLN A 230 36.03 9.61 21.52
CA GLN A 230 36.83 10.38 20.58
C GLN A 230 36.02 10.73 19.34
N LEU A 231 35.29 9.74 18.82
CA LEU A 231 34.41 9.98 17.67
C LEU A 231 33.36 11.03 18.00
N LEU A 232 32.82 10.94 19.22
CA LEU A 232 31.82 11.91 19.66
C LEU A 232 32.41 13.31 19.69
N ALA A 233 33.63 13.41 20.20
CA ALA A 233 34.35 14.68 20.23
C ALA A 233 34.55 15.23 18.82
N VAL A 234 34.83 14.34 17.88
CA VAL A 234 35.01 14.73 16.49
C VAL A 234 33.72 15.29 15.90
N CYS A 235 32.63 14.54 16.05
CA CYS A 235 31.35 14.95 15.49
C CYS A 235 30.87 16.26 16.12
N GLN A 236 31.07 16.41 17.42
CA GLN A 236 30.67 17.63 18.13
C GLN A 236 31.51 18.82 17.73
N SER A 237 32.82 18.61 17.63
CA SER A 237 33.74 19.67 17.25
C SER A 237 33.44 20.11 15.85
N GLY A 238 33.15 19.13 14.98
CA GLY A 238 32.83 19.43 13.61
C GLY A 238 34.04 19.50 12.70
N GLU A 239 35.22 19.23 13.23
CA GLU A 239 36.37 19.16 12.33
C GLU A 239 36.83 17.72 12.16
N ARG A 240 36.62 17.29 10.92
CA ARG A 240 36.71 15.92 10.47
C ARG A 240 38.08 15.56 9.93
N GLU A 241 39.02 16.48 10.11
CA GLU A 241 40.39 16.28 9.65
C GLU A 241 41.09 15.23 10.51
N HIS A 242 40.75 15.24 11.79
CA HIS A 242 41.25 14.30 12.79
C HIS A 242 40.60 12.92 12.77
N LEU A 243 39.44 12.83 12.16
CA LEU A 243 38.67 11.58 12.03
C LEU A 243 39.45 10.36 11.49
N PRO A 244 40.17 10.50 10.36
CA PRO A 244 40.86 9.29 9.87
C PRO A 244 41.95 8.77 10.80
N GLN A 245 42.59 9.72 11.49
CA GLN A 245 43.66 9.44 12.41
C GLN A 245 43.10 8.64 13.60
N VAL A 246 41.98 9.11 14.13
CA VAL A 246 41.26 8.41 15.19
C VAL A 246 40.95 6.99 14.75
N ILE A 247 40.33 6.85 13.59
CA ILE A 247 39.90 5.53 13.13
C ILE A 247 41.07 4.55 12.89
N ARG A 248 42.20 5.01 12.39
CA ARG A 248 43.30 4.07 12.13
C ARG A 248 44.17 3.81 13.36
N GLN A 249 44.22 4.73 14.30
CA GLN A 249 44.80 4.41 15.60
C GLN A 249 43.97 3.37 16.34
N TYR A 250 42.64 3.52 16.30
CA TYR A 250 41.81 2.49 16.90
C TYR A 250 42.00 1.18 16.17
N GLY A 251 42.19 1.27 14.85
CA GLY A 251 42.40 0.10 14.03
C GLY A 251 43.64 -0.67 14.42
N ILE A 252 44.75 0.03 14.62
CA ILE A 252 45.99 -0.64 14.97
C ILE A 252 46.01 -1.11 16.43
N ALA A 253 45.39 -0.34 17.33
CA ALA A 253 45.35 -0.74 18.73
C ALA A 253 44.51 -2.00 18.93
N SER A 254 43.28 -1.95 18.45
CA SER A 254 42.39 -3.11 18.48
C SER A 254 43.00 -4.23 17.67
N GLY A 255 43.83 -3.86 16.68
CA GLY A 255 44.57 -4.81 15.89
C GLY A 255 45.54 -5.63 16.72
N HIS A 256 46.27 -4.94 17.61
CA HIS A 256 47.23 -5.60 18.47
C HIS A 256 46.53 -6.45 19.52
N ILE A 257 45.42 -5.94 20.04
CA ILE A 257 44.58 -6.73 20.95
C ILE A 257 44.13 -8.03 20.28
N TRP A 258 43.71 -7.93 19.03
CA TRP A 258 43.29 -9.11 18.28
C TRP A 258 44.47 -10.05 18.02
N ASN A 259 45.65 -9.49 17.76
CA ASN A 259 46.85 -10.31 17.58
C ASN A 259 47.17 -11.10 18.83
N GLN A 260 46.83 -10.54 19.98
CA GLN A 260 47.01 -11.26 21.24
C GLN A 260 45.94 -12.33 21.44
N MET A 261 44.69 -11.98 21.17
CA MET A 261 43.58 -12.91 21.38
C MET A 261 43.45 -13.95 20.26
N LYS A 262 44.23 -13.80 19.21
CA LYS A 262 44.17 -14.67 18.04
C LYS A 262 44.66 -16.07 18.36
N MET A 263 45.64 -16.15 19.26
CA MET A 263 46.30 -17.41 19.58
C MET A 263 45.33 -18.39 20.23
N THR A 264 44.71 -17.92 21.31
CA THR A 264 43.76 -18.74 22.07
C THR A 264 42.32 -18.51 21.65
N LEU A 265 41.92 -19.12 20.54
CA LEU A 265 40.54 -19.04 20.10
C LEU A 265 39.71 -20.11 20.78
N PRO A 266 38.51 -19.75 21.24
CA PRO A 266 37.58 -20.75 21.78
C PRO A 266 37.35 -21.82 20.74
N SER A 267 36.96 -23.03 21.14
CA SER A 267 36.74 -24.05 20.12
C SER A 267 35.25 -24.20 19.86
N ASN A 268 34.50 -23.16 20.23
CA ASN A 268 33.13 -23.01 19.78
C ASN A 268 33.11 -21.82 18.83
N PHE A 269 34.29 -21.37 18.44
CA PHE A 269 34.45 -20.19 17.60
C PHE A 269 33.95 -20.44 16.18
N THR A 270 34.44 -21.51 15.57
CA THR A 270 34.07 -21.84 14.20
C THR A 270 32.97 -22.90 14.09
N GLU A 271 31.73 -22.54 14.42
CA GLU A 271 30.62 -23.49 14.30
C GLU A 271 29.25 -22.80 14.13
N ASP A 272 28.24 -23.63 13.86
CA ASP A 272 26.85 -23.22 13.68
C ASP A 272 25.93 -23.77 14.78
N LYS B 1 1.19 -16.22 -15.54
CA LYS B 1 2.19 -16.20 -14.47
C LYS B 1 2.27 -17.57 -13.78
N SER B 2 3.38 -17.83 -13.10
CA SER B 2 3.60 -19.12 -12.44
C SER B 2 3.44 -18.97 -10.92
N PRO B 3 3.00 -20.06 -10.23
CA PRO B 3 2.55 -20.02 -8.82
C PRO B 3 3.53 -19.39 -7.85
N ALA B 4 4.70 -20.01 -7.70
CA ALA B 4 5.71 -19.56 -6.75
C ALA B 4 6.07 -18.11 -7.02
N GLY B 5 6.18 -17.75 -8.30
CA GLY B 5 6.57 -16.40 -8.60
C GLY B 5 5.51 -15.42 -8.13
N PHE B 6 4.24 -15.69 -8.45
CA PHE B 6 3.18 -14.76 -8.10
C PHE B 6 3.03 -14.67 -6.59
N ALA B 7 3.25 -15.78 -5.91
CA ALA B 7 3.21 -15.77 -4.45
C ALA B 7 4.32 -14.87 -3.89
N GLU B 8 5.53 -15.00 -4.42
CA GLU B 8 6.65 -14.17 -3.94
C GLU B 8 6.45 -12.68 -4.18
N LYS B 9 6.07 -12.30 -5.40
CA LYS B 9 5.90 -10.90 -5.70
C LYS B 9 4.71 -10.36 -4.90
N TYR B 10 3.67 -11.18 -4.72
CA TYR B 10 2.52 -10.77 -3.93
C TYR B 10 2.95 -10.45 -2.50
N ILE B 11 3.72 -11.35 -1.89
CA ILE B 11 4.15 -11.15 -0.51
C ILE B 11 5.08 -9.94 -0.37
N ILE B 12 6.10 -9.85 -1.22
CA ILE B 12 7.03 -8.73 -1.14
C ILE B 12 6.32 -7.38 -1.35
N GLU B 13 5.46 -7.33 -2.35
CA GLU B 13 4.71 -6.10 -2.64
C GLU B 13 3.76 -5.76 -1.50
N SER B 14 3.19 -6.78 -0.87
CA SER B 14 2.27 -6.56 0.25
C SER B 14 3.01 -6.05 1.48
N ILE B 15 4.25 -6.49 1.64
CA ILE B 15 5.10 -6.01 2.72
C ILE B 15 5.49 -4.56 2.45
N TRP B 16 5.72 -4.25 1.17
CA TRP B 16 6.16 -2.93 0.78
C TRP B 16 5.06 -1.87 0.90
N ASN B 17 3.86 -2.18 0.42
CA ASN B 17 2.79 -1.18 0.40
C ASN B 17 2.09 -1.02 1.75
N GLY B 18 2.23 -2.01 2.63
CA GLY B 18 1.75 -1.88 3.99
C GLY B 18 0.63 -2.83 4.42
N ARG B 19 0.39 -3.88 3.65
CA ARG B 19 -0.65 -4.83 4.06
C ARG B 19 -0.07 -5.86 5.02
N PHE B 20 1.19 -6.21 4.80
CA PHE B 20 1.96 -6.98 5.76
C PHE B 20 3.12 -6.11 6.26
N PRO B 21 2.80 -5.11 7.10
CA PRO B 21 3.76 -4.08 7.49
C PRO B 21 4.91 -4.64 8.30
N PRO B 22 6.11 -4.03 8.15
CA PRO B 22 7.24 -4.39 9.00
C PRO B 22 6.90 -4.21 10.47
N GLY B 23 7.09 -5.26 11.27
CA GLY B 23 6.76 -5.20 12.68
C GLY B 23 5.50 -6.00 13.01
N SER B 24 4.73 -6.32 11.97
CA SER B 24 3.50 -7.09 12.15
C SER B 24 3.78 -8.59 12.08
N ILE B 25 2.72 -9.38 12.04
CA ILE B 25 2.86 -10.82 11.90
C ILE B 25 2.25 -11.33 10.60
N LEU B 26 3.04 -12.06 9.84
CA LEU B 26 2.56 -12.72 8.62
C LEU B 26 1.52 -13.77 9.00
N PRO B 27 0.40 -13.82 8.27
CA PRO B 27 -0.65 -14.81 8.57
C PRO B 27 -0.12 -16.24 8.48
N ALA B 28 -0.85 -17.18 9.08
CA ALA B 28 -0.44 -18.57 9.07
C ALA B 28 -0.34 -19.09 7.64
N GLU B 29 0.54 -20.07 7.43
CA GLU B 29 0.81 -20.60 6.10
C GLU B 29 -0.47 -21.15 5.46
N ARG B 30 -1.28 -21.84 6.27
CA ARG B 30 -2.54 -22.38 5.80
C ARG B 30 -3.51 -21.29 5.33
N GLU B 31 -3.39 -20.10 5.91
CA GLU B 31 -4.26 -18.99 5.56
C GLU B 31 -3.82 -18.28 4.28
N LEU B 32 -2.51 -18.11 4.10
CA LEU B 32 -2.02 -17.54 2.85
C LEU B 32 -2.17 -18.52 1.69
N SER B 33 -2.16 -19.82 1.97
CA SER B 33 -2.39 -20.80 0.91
C SER B 33 -3.76 -20.56 0.27
N GLU B 34 -4.73 -20.15 1.08
CA GLU B 34 -6.07 -19.91 0.57
C GLU B 34 -6.34 -18.43 0.25
N LEU B 35 -5.47 -17.54 0.72
CA LEU B 35 -5.61 -16.12 0.40
C LEU B 35 -4.96 -15.78 -0.93
N ILE B 36 -3.88 -16.49 -1.26
CA ILE B 36 -3.14 -16.20 -2.49
C ILE B 36 -3.62 -17.06 -3.65
N GLY B 37 -3.78 -18.36 -3.41
CA GLY B 37 -4.28 -19.25 -4.43
C GLY B 37 -3.24 -20.28 -4.83
N VAL B 38 -2.20 -20.40 -4.02
CA VAL B 38 -1.16 -21.38 -4.26
C VAL B 38 -1.26 -22.46 -3.18
N THR B 39 -0.76 -23.65 -3.48
CA THR B 39 -0.79 -24.73 -2.51
C THR B 39 0.14 -24.38 -1.35
N ARG B 40 0.00 -25.07 -0.23
CA ARG B 40 0.78 -24.70 0.95
C ARG B 40 2.28 -24.92 0.73
N THR B 41 2.64 -26.08 0.18
CA THR B 41 4.04 -26.43 -0.07
C THR B 41 4.80 -25.34 -0.82
N THR B 42 4.26 -24.96 -1.97
CA THR B 42 4.83 -23.91 -2.81
C THR B 42 5.02 -22.61 -2.04
N LEU B 43 3.97 -22.23 -1.32
CA LEU B 43 4.00 -21.03 -0.50
C LEU B 43 5.12 -21.14 0.54
N ARG B 44 5.39 -22.35 1.02
CA ARG B 44 6.45 -22.57 1.98
C ARG B 44 7.82 -22.42 1.32
N GLU B 45 7.95 -22.84 0.07
CA GLU B 45 9.21 -22.64 -0.64
C GLU B 45 9.48 -21.15 -0.82
N VAL B 46 8.43 -20.43 -1.22
CA VAL B 46 8.50 -18.97 -1.32
C VAL B 46 8.92 -18.33 0.01
N LEU B 47 8.30 -18.79 1.09
CA LEU B 47 8.58 -18.25 2.42
C LEU B 47 10.01 -18.53 2.84
N GLN B 48 10.52 -19.71 2.52
CA GLN B 48 11.88 -20.07 2.84
C GLN B 48 12.84 -19.16 2.11
N ARG B 49 12.57 -18.93 0.83
CA ARG B 49 13.39 -18.03 0.02
C ARG B 49 13.41 -16.62 0.61
N LEU B 50 12.22 -16.06 0.84
CA LEU B 50 12.08 -14.71 1.35
C LEU B 50 12.74 -14.54 2.71
N ALA B 51 12.58 -15.54 3.57
CA ALA B 51 13.18 -15.53 4.89
C ALA B 51 14.70 -15.55 4.78
N ARG B 52 15.20 -16.30 3.81
CA ARG B 52 16.64 -16.33 3.57
C ARG B 52 17.11 -14.98 3.03
N ASP B 53 16.20 -14.24 2.39
CA ASP B 53 16.52 -12.91 1.92
C ASP B 53 16.40 -11.88 3.05
N GLY B 54 15.69 -12.25 4.10
CA GLY B 54 15.61 -11.41 5.29
C GLY B 54 14.32 -10.62 5.40
N TRP B 55 13.28 -11.07 4.71
CA TRP B 55 12.00 -10.37 4.75
C TRP B 55 11.18 -10.85 5.95
N LEU B 56 11.47 -12.06 6.39
CA LEU B 56 10.69 -12.71 7.44
C LEU B 56 11.57 -13.37 8.49
N THR B 57 10.99 -13.66 9.64
CA THR B 57 11.63 -14.48 10.66
C THR B 57 10.77 -15.70 10.95
N ILE B 58 11.29 -16.89 10.67
CA ILE B 58 10.51 -18.11 10.83
C ILE B 58 11.09 -19.05 11.90
N GLN B 59 10.20 -19.65 12.68
CA GLN B 59 10.53 -20.69 13.65
C GLN B 59 9.22 -21.35 14.06
N HIS B 60 9.17 -22.69 14.11
CA HIS B 60 7.86 -23.32 14.17
C HIS B 60 7.33 -23.32 15.59
N GLY B 61 6.00 -23.26 15.70
CA GLY B 61 5.34 -23.00 16.96
C GLY B 61 4.99 -21.52 17.07
N LYS B 62 5.93 -20.66 16.70
CA LYS B 62 5.69 -19.23 16.72
C LYS B 62 5.21 -18.74 15.35
N PRO B 63 4.43 -17.64 15.33
CA PRO B 63 3.94 -17.10 14.07
C PRO B 63 5.05 -16.48 13.23
N THR B 64 4.97 -16.59 11.92
CA THR B 64 5.93 -15.96 11.04
C THR B 64 5.83 -14.44 11.21
N LYS B 65 6.92 -13.82 11.60
CA LYS B 65 6.94 -12.39 11.85
C LYS B 65 7.65 -11.66 10.71
N VAL B 66 7.02 -10.59 10.21
CA VAL B 66 7.58 -9.82 9.11
C VAL B 66 8.68 -8.90 9.61
N ASN B 67 9.90 -9.20 9.22
CA ASN B 67 11.07 -8.44 9.64
C ASN B 67 11.02 -6.98 9.25
N GLN B 68 11.79 -6.17 9.97
CA GLN B 68 12.07 -4.81 9.56
C GLN B 68 13.23 -4.83 8.59
N PHE B 69 12.92 -5.04 7.30
CA PHE B 69 13.94 -5.03 6.26
C PHE B 69 14.65 -3.69 6.29
N MET B 70 15.81 -3.61 5.63
CA MET B 70 16.76 -2.50 5.74
C MET B 70 17.53 -2.62 7.05
N GLU B 71 17.11 -3.56 7.89
CA GLU B 71 17.78 -3.85 9.15
C GLU B 71 18.10 -5.33 9.22
N THR B 72 17.51 -6.09 8.29
CA THR B 72 17.73 -7.53 8.23
C THR B 72 18.32 -7.96 6.90
N SER B 73 17.92 -7.30 5.82
CA SER B 73 18.34 -7.68 4.47
C SER B 73 19.68 -7.08 4.10
N GLY B 74 20.26 -7.57 3.00
CA GLY B 74 21.59 -7.15 2.57
C GLY B 74 21.58 -6.27 1.33
N LEU B 75 22.71 -6.26 0.62
CA LEU B 75 22.90 -5.39 -0.53
C LEU B 75 21.99 -5.72 -1.71
N HIS B 76 21.29 -6.86 -1.63
CA HIS B 76 20.49 -7.34 -2.75
C HIS B 76 19.17 -6.60 -2.90
N ILE B 77 18.56 -6.19 -1.79
CA ILE B 77 17.26 -5.54 -1.85
C ILE B 77 17.24 -4.25 -2.66
N LEU B 78 18.39 -3.62 -2.88
CA LEU B 78 18.40 -2.35 -3.62
C LEU B 78 17.78 -2.49 -5.01
N ASP B 79 17.99 -3.65 -5.61
CA ASP B 79 17.45 -3.97 -6.93
C ASP B 79 15.93 -4.07 -6.87
N THR B 80 15.44 -4.85 -5.92
CA THR B 80 14.00 -5.01 -5.73
C THR B 80 13.36 -3.66 -5.38
N LEU B 81 14.06 -2.87 -4.58
CA LEU B 81 13.64 -1.53 -4.19
C LEU B 81 13.48 -0.64 -5.40
N MET B 82 14.33 -0.85 -6.41
CA MET B 82 14.18 -0.10 -7.66
C MET B 82 12.82 -0.36 -8.30
N THR B 83 12.33 -1.59 -8.19
CA THR B 83 11.06 -1.97 -8.82
C THR B 83 9.88 -1.89 -7.85
N LEU B 84 10.13 -1.52 -6.60
CA LEU B 84 9.02 -1.37 -5.66
C LEU B 84 8.59 0.10 -5.50
N ASP B 85 9.54 1.03 -5.55
CA ASP B 85 9.21 2.46 -5.63
C ASP B 85 10.08 3.18 -6.65
N ALA B 86 9.69 3.03 -7.92
CA ALA B 86 10.39 3.58 -9.07
C ALA B 86 10.52 5.09 -8.99
N GLU B 87 9.55 5.73 -8.34
CA GLU B 87 9.61 7.16 -8.09
C GLU B 87 10.97 7.61 -7.55
N ASN B 88 11.61 6.81 -6.72
CA ASN B 88 12.90 7.19 -6.13
C ASN B 88 14.01 6.27 -6.60
N ALA B 89 13.78 5.58 -7.71
CA ALA B 89 14.82 4.83 -8.37
C ALA B 89 15.94 5.80 -8.75
N THR B 90 15.55 7.07 -8.89
CA THR B 90 16.47 8.18 -9.09
C THR B 90 17.57 8.18 -8.03
N SER B 91 17.17 8.09 -6.76
CA SER B 91 18.12 8.25 -5.67
C SER B 91 19.02 7.02 -5.57
N ILE B 92 18.40 5.85 -5.69
CA ILE B 92 19.09 4.57 -5.54
C ILE B 92 20.35 4.48 -6.39
N VAL B 93 20.20 4.78 -7.68
CA VAL B 93 21.33 4.74 -8.61
C VAL B 93 22.46 5.66 -8.13
N GLU B 94 22.10 6.85 -7.67
CA GLU B 94 23.10 7.82 -7.23
C GLU B 94 23.83 7.34 -5.99
N ASP B 95 23.22 6.41 -5.25
CA ASP B 95 23.93 5.75 -4.17
C ASP B 95 24.94 4.75 -4.75
N LEU B 96 24.48 3.92 -5.67
CA LEU B 96 25.33 2.92 -6.31
C LEU B 96 26.57 3.55 -6.92
N LEU B 97 26.39 4.72 -7.53
CA LEU B 97 27.49 5.45 -8.12
C LEU B 97 28.38 6.11 -7.07
N ALA B 98 27.77 6.57 -5.98
CA ALA B 98 28.53 7.27 -4.94
C ALA B 98 29.45 6.31 -4.19
N ALA B 99 28.86 5.23 -3.68
CA ALA B 99 29.60 4.20 -2.97
C ALA B 99 30.80 3.74 -3.80
N ARG B 100 30.53 3.40 -5.05
CA ARG B 100 31.58 2.93 -5.95
C ARG B 100 32.68 3.97 -6.12
N THR B 101 32.31 5.25 -6.14
CA THR B 101 33.29 6.30 -6.30
C THR B 101 34.09 6.48 -5.02
N ASN B 102 33.49 6.09 -3.89
CA ASN B 102 34.12 6.25 -2.59
C ASN B 102 35.11 5.14 -2.27
N ILE B 103 34.72 3.91 -2.55
CA ILE B 103 35.50 2.75 -2.15
C ILE B 103 36.44 2.24 -3.24
N SER B 104 36.31 2.80 -4.44
CA SER B 104 37.21 2.44 -5.54
C SER B 104 38.66 2.84 -5.23
N PRO B 105 38.90 4.04 -4.67
CA PRO B 105 40.29 4.33 -4.31
C PRO B 105 40.83 3.40 -3.22
N ILE B 106 39.95 2.75 -2.49
CA ILE B 106 40.37 1.89 -1.39
C ILE B 106 40.96 0.56 -1.87
N PHE B 107 40.21 -0.20 -2.66
CA PHE B 107 40.70 -1.53 -3.03
C PHE B 107 41.64 -1.45 -4.23
N MET B 108 41.41 -0.49 -5.11
CA MET B 108 42.26 -0.33 -6.30
C MET B 108 43.67 0.03 -5.88
N ARG B 109 43.81 0.70 -4.75
CA ARG B 109 45.13 0.96 -4.21
C ARG B 109 45.78 -0.35 -3.81
N TYR B 110 45.09 -1.14 -2.99
CA TYR B 110 45.70 -2.37 -2.49
C TYR B 110 45.93 -3.36 -3.62
N ALA B 111 44.99 -3.38 -4.57
CA ALA B 111 45.08 -4.29 -5.70
C ALA B 111 46.30 -3.93 -6.55
N PHE B 112 46.63 -2.64 -6.61
CA PHE B 112 47.76 -2.22 -7.42
C PHE B 112 49.08 -2.50 -6.70
N LYS B 113 49.01 -2.81 -5.40
CA LYS B 113 50.23 -3.10 -4.65
C LYS B 113 50.50 -4.59 -4.52
N LEU B 114 49.48 -5.35 -4.12
CA LEU B 114 49.63 -6.79 -3.91
C LEU B 114 49.73 -7.56 -5.21
N ASN B 115 48.68 -7.45 -6.02
CA ASN B 115 48.64 -8.14 -7.30
C ASN B 115 48.66 -7.16 -8.47
N LYS B 116 49.75 -6.41 -8.59
CA LYS B 116 49.95 -5.45 -9.68
C LYS B 116 49.82 -6.15 -11.04
N GLU B 117 50.46 -7.31 -11.15
CA GLU B 117 50.52 -8.06 -12.38
C GLU B 117 49.12 -8.57 -12.82
N SER B 118 48.38 -9.18 -11.91
CA SER B 118 47.04 -9.71 -12.22
C SER B 118 46.08 -8.56 -12.46
N ALA B 119 46.30 -7.46 -11.74
CA ALA B 119 45.47 -6.28 -11.90
C ALA B 119 45.61 -5.76 -13.31
N GLU B 120 46.82 -5.38 -13.69
CA GLU B 120 47.03 -4.92 -15.06
C GLU B 120 46.64 -5.95 -16.12
N ARG B 121 46.82 -7.24 -15.87
CA ARG B 121 46.45 -8.19 -16.92
C ARG B 121 44.92 -8.28 -17.07
N ILE B 122 44.16 -8.35 -15.97
CA ILE B 122 42.71 -8.39 -16.12
C ILE B 122 42.19 -7.07 -16.68
N MET B 123 42.86 -5.97 -16.35
CA MET B 123 42.49 -4.67 -16.90
C MET B 123 42.73 -4.61 -18.40
N ILE B 124 43.91 -5.06 -18.82
CA ILE B 124 44.26 -5.14 -20.23
C ILE B 124 43.26 -6.02 -20.98
N ASN B 125 42.95 -7.16 -20.38
CA ASN B 125 41.93 -8.06 -20.92
C ASN B 125 40.61 -7.33 -21.14
N VAL B 126 40.20 -6.56 -20.14
CA VAL B 126 38.95 -5.79 -20.25
C VAL B 126 39.01 -4.77 -21.38
N ILE B 127 40.07 -3.96 -21.40
CA ILE B 127 40.24 -2.91 -22.39
C ILE B 127 40.27 -3.46 -23.83
N GLU B 128 41.01 -4.55 -24.06
CA GLU B 128 41.10 -5.11 -25.40
C GLU B 128 39.82 -5.84 -25.80
N SER B 129 39.12 -6.40 -24.83
CA SER B 129 37.83 -6.99 -25.11
C SER B 129 36.76 -5.92 -25.35
N CYS B 130 37.05 -4.69 -24.94
CA CYS B 130 36.14 -3.58 -25.14
C CYS B 130 36.35 -2.95 -26.51
N GLU B 131 36.86 -3.73 -27.44
CA GLU B 131 36.95 -3.30 -28.83
C GLU B 131 35.77 -3.86 -29.61
N ALA B 132 34.63 -3.90 -28.95
CA ALA B 132 33.36 -4.16 -29.60
C ALA B 132 32.84 -2.89 -30.24
N LEU B 133 33.52 -1.77 -29.97
CA LEU B 133 33.13 -0.48 -30.51
C LEU B 133 33.71 -0.24 -31.90
N VAL B 134 35.02 -0.45 -32.03
CA VAL B 134 35.72 -0.24 -33.30
C VAL B 134 35.50 -1.40 -34.26
N ASN B 135 34.36 -2.06 -34.17
CA ASN B 135 34.08 -3.21 -35.03
C ASN B 135 32.60 -3.23 -35.42
N ALA B 136 32.26 -3.87 -36.54
CA ALA B 136 30.86 -4.05 -36.91
C ALA B 136 30.16 -4.80 -35.77
N PRO B 137 28.93 -4.37 -35.43
CA PRO B 137 28.20 -4.75 -34.20
C PRO B 137 28.07 -6.22 -33.77
N SER B 138 28.10 -7.24 -34.64
CA SER B 138 28.07 -8.59 -34.09
C SER B 138 29.48 -9.12 -34.19
N TRP B 139 30.16 -8.95 -33.06
CA TRP B 139 31.57 -9.20 -32.91
C TRP B 139 31.91 -10.44 -32.10
N ASP B 140 30.90 -11.19 -31.69
CA ASP B 140 31.16 -12.34 -30.83
C ASP B 140 31.64 -13.56 -31.62
N ALA B 141 32.38 -13.27 -32.70
CA ALA B 141 33.25 -14.25 -33.38
C ALA B 141 34.69 -13.72 -33.32
N PHE B 142 35.19 -13.71 -32.09
CA PHE B 142 36.48 -13.18 -31.66
C PHE B 142 36.60 -13.91 -30.30
N ILE B 143 37.47 -13.46 -29.41
CA ILE B 143 37.49 -13.84 -27.98
C ILE B 143 37.60 -15.34 -27.62
N ALA B 144 37.15 -16.23 -28.50
CA ALA B 144 36.40 -17.42 -28.07
C ALA B 144 35.20 -16.86 -27.35
N ALA B 145 34.30 -16.34 -28.17
CA ALA B 145 33.13 -15.63 -27.71
C ALA B 145 32.00 -16.60 -27.47
N SER B 146 32.34 -17.69 -26.81
CA SER B 146 31.35 -18.67 -26.47
C SER B 146 30.74 -18.53 -25.06
N PRO B 147 31.54 -18.41 -23.99
CA PRO B 147 30.82 -18.41 -22.70
C PRO B 147 29.99 -17.16 -22.58
N TYR B 148 28.89 -17.08 -23.30
CA TYR B 148 28.06 -15.88 -23.29
C TYR B 148 26.54 -16.15 -23.03
N ALA B 149 26.24 -16.53 -21.78
CA ALA B 149 24.87 -16.71 -21.25
C ALA B 149 24.23 -15.59 -20.39
N GLU B 150 25.05 -14.67 -19.94
CA GLU B 150 24.58 -13.48 -19.23
C GLU B 150 24.05 -12.57 -20.30
N LYS B 151 24.80 -12.69 -21.38
CA LYS B 151 24.71 -12.06 -22.67
C LYS B 151 23.56 -12.65 -23.54
N ILE B 152 22.32 -12.35 -23.15
CA ILE B 152 21.10 -12.77 -23.85
C ILE B 152 20.04 -11.67 -23.90
N GLN B 153 19.51 -11.48 -25.09
CA GLN B 153 18.42 -10.56 -25.20
C GLN B 153 17.47 -11.01 -26.28
N GLN B 154 16.37 -11.58 -25.85
CA GLN B 154 15.21 -11.71 -26.71
C GLN B 154 14.11 -10.91 -25.96
N HIS B 155 14.11 -9.58 -26.03
CA HIS B 155 13.05 -8.72 -25.47
C HIS B 155 12.17 -8.77 -26.87
N VAL B 156 10.83 -8.68 -27.05
CA VAL B 156 10.31 -8.89 -28.51
C VAL B 156 9.16 -7.90 -28.80
N LYS B 157 9.36 -6.73 -28.21
CA LYS B 157 9.40 -5.41 -28.91
C LYS B 157 8.53 -4.73 -29.87
N GLU B 158 7.86 -5.43 -30.74
CA GLU B 158 8.05 -4.92 -32.08
C GLU B 158 6.82 -4.83 -32.95
N ASP B 159 7.07 -4.12 -34.03
CA ASP B 159 6.08 -3.53 -34.89
C ASP B 159 6.50 -4.12 -36.21
N SER B 160 7.80 -4.41 -36.24
CA SER B 160 8.62 -4.95 -37.34
C SER B 160 9.91 -4.14 -37.50
N GLU B 161 10.54 -4.27 -38.66
CA GLU B 161 11.96 -4.63 -38.64
C GLU B 161 13.12 -3.61 -38.79
N LYS B 162 13.35 -2.74 -37.83
CA LYS B 162 14.74 -2.32 -37.63
C LYS B 162 15.16 -2.87 -36.30
N ASP B 163 14.75 -4.09 -36.03
CA ASP B 163 14.58 -4.51 -34.68
C ASP B 163 15.62 -5.64 -34.60
N GLU B 164 16.69 -5.46 -35.38
CA GLU B 164 17.88 -6.26 -35.30
C GLU B 164 19.08 -5.37 -35.06
N LEU B 165 18.84 -4.07 -35.23
CA LEU B 165 19.85 -3.09 -34.90
C LEU B 165 19.56 -2.29 -33.62
N LYS B 166 18.40 -2.35 -33.01
CA LYS B 166 18.39 -1.74 -31.67
C LYS B 166 18.88 -2.86 -30.73
N ARG B 167 18.65 -4.11 -31.13
CA ARG B 167 19.03 -5.28 -30.31
C ARG B 167 20.47 -5.26 -30.12
N GLN B 168 21.12 -4.89 -31.20
CA GLN B 168 22.55 -4.89 -31.24
C GLN B 168 23.07 -3.72 -30.47
N GLU B 169 22.29 -2.64 -30.42
CA GLU B 169 22.68 -1.50 -29.60
C GLU B 169 22.58 -1.87 -28.12
N ILE B 170 21.47 -2.48 -27.74
CA ILE B 170 21.29 -2.90 -26.36
C ILE B 170 22.28 -4.00 -26.00
N LEU B 171 22.62 -4.85 -26.95
CA LEU B 171 23.63 -5.88 -26.73
C LEU B 171 25.01 -5.26 -26.55
N ILE B 172 25.27 -4.16 -27.26
CA ILE B 172 26.54 -3.45 -27.09
C ILE B 172 26.59 -2.88 -25.68
N ALA B 173 25.47 -2.29 -25.25
CA ALA B 173 25.35 -1.79 -23.89
C ALA B 173 25.59 -2.90 -22.87
N LYS B 174 24.95 -4.05 -23.09
CA LYS B 174 25.04 -5.17 -22.18
C LYS B 174 26.45 -5.76 -22.08
N THR B 175 27.15 -5.84 -23.21
CA THR B 175 28.49 -6.42 -23.19
C THR B 175 29.49 -5.43 -22.56
N PHE B 176 29.32 -4.14 -22.85
CA PHE B 176 30.21 -3.15 -22.27
C PHE B 176 30.00 -3.08 -20.76
N ASN B 177 28.74 -3.17 -20.34
CA ASN B 177 28.43 -3.23 -18.91
C ASN B 177 29.02 -4.47 -18.27
N PHE B 178 28.93 -5.60 -18.98
CA PHE B 178 29.55 -6.84 -18.53
C PHE B 178 31.03 -6.66 -18.24
N TYR B 179 31.75 -6.03 -19.16
CA TYR B 179 33.19 -5.87 -18.97
C TYR B 179 33.51 -4.83 -17.90
N ASP B 180 32.67 -3.80 -17.80
CA ASP B 180 32.80 -2.80 -16.74
C ASP B 180 32.74 -3.48 -15.38
N TYR B 181 31.68 -4.25 -15.17
CA TYR B 181 31.49 -5.00 -13.95
C TYR B 181 32.63 -5.98 -13.70
N MET B 182 33.07 -6.65 -14.76
CA MET B 182 34.21 -7.56 -14.64
C MET B 182 35.42 -6.83 -14.09
N LEU B 183 35.69 -5.64 -14.63
CA LEU B 183 36.81 -4.84 -14.19
C LEU B 183 36.70 -4.51 -12.71
N PHE B 184 35.61 -3.85 -12.32
CA PHE B 184 35.48 -3.40 -10.93
C PHE B 184 35.49 -4.56 -9.93
N GLN B 185 34.79 -5.64 -10.25
CA GLN B 185 34.66 -6.78 -9.34
C GLN B 185 35.97 -7.55 -9.21
N ARG B 186 36.57 -7.90 -10.35
CA ARG B 186 37.83 -8.63 -10.35
C ARG B 186 38.94 -7.82 -9.69
N LEU B 187 38.93 -6.51 -9.91
CA LEU B 187 39.90 -5.65 -9.23
C LEU B 187 39.60 -5.57 -7.74
N ALA B 188 38.33 -5.74 -7.39
CA ALA B 188 37.93 -5.69 -5.98
C ALA B 188 38.30 -6.97 -5.26
N PHE B 189 38.52 -8.05 -6.00
CA PHE B 189 38.97 -9.29 -5.38
C PHE B 189 40.49 -9.41 -5.28
N HIS B 190 41.20 -8.78 -6.21
CA HIS B 190 42.65 -8.85 -6.22
C HIS B 190 43.26 -7.82 -5.27
N SER B 191 42.44 -7.37 -4.31
CA SER B 191 42.89 -6.44 -3.28
C SER B 191 43.37 -7.18 -2.03
N GLY B 192 43.11 -8.47 -1.96
CA GLY B 192 43.49 -9.27 -0.82
C GLY B 192 42.42 -9.28 0.25
N ASN B 193 41.36 -8.50 0.01
CA ASN B 193 40.22 -8.44 0.91
C ASN B 193 38.97 -8.89 0.19
N GLN B 194 38.41 -10.02 0.61
CA GLN B 194 37.27 -10.62 -0.07
C GLN B 194 36.04 -9.71 -0.04
N ILE B 195 35.84 -9.02 1.07
CA ILE B 195 34.65 -8.20 1.30
C ILE B 195 34.35 -7.25 0.15
N TYR B 196 35.38 -6.64 -0.42
CA TYR B 196 35.20 -5.72 -1.53
C TYR B 196 34.66 -6.42 -2.78
N GLY B 197 35.00 -7.70 -2.92
CA GLY B 197 34.48 -8.47 -4.03
C GLY B 197 33.05 -8.89 -3.75
N LEU B 198 32.80 -9.28 -2.50
CA LEU B 198 31.46 -9.71 -2.09
C LEU B 198 30.45 -8.57 -2.22
N ILE B 199 30.91 -7.34 -2.03
CA ILE B 199 30.06 -6.17 -2.17
C ILE B 199 29.53 -6.05 -3.60
N PHE B 200 30.43 -6.14 -4.56
CA PHE B 200 30.04 -6.08 -5.97
C PHE B 200 29.19 -7.27 -6.37
N ASN B 201 29.55 -8.46 -5.89
CA ASN B 201 28.73 -9.64 -6.15
C ASN B 201 27.29 -9.44 -5.66
N GLY B 202 27.15 -8.76 -4.52
CA GLY B 202 25.84 -8.50 -3.97
C GLY B 202 25.04 -7.51 -4.80
N LEU B 203 25.73 -6.51 -5.35
CA LEU B 203 25.07 -5.44 -6.11
C LEU B 203 25.00 -5.72 -7.61
N LYS B 204 25.31 -6.95 -8.01
CA LYS B 204 25.50 -7.26 -9.44
C LYS B 204 24.24 -7.00 -10.27
N LYS B 205 23.08 -7.33 -9.72
CA LYS B 205 21.82 -7.15 -10.46
C LYS B 205 21.53 -5.67 -10.69
N LEU B 206 21.73 -4.86 -9.67
CA LEU B 206 21.55 -3.41 -9.79
C LEU B 206 22.57 -2.81 -10.75
N TYR B 207 23.80 -3.29 -10.65
CA TYR B 207 24.92 -2.82 -11.47
C TYR B 207 24.64 -3.09 -12.95
N ASP B 208 24.13 -4.29 -13.23
CA ASP B 208 23.83 -4.71 -14.59
C ASP B 208 22.63 -3.93 -15.11
N ARG B 209 21.64 -3.76 -14.22
CA ARG B 209 20.41 -3.03 -14.55
C ARG B 209 20.69 -1.59 -14.97
N VAL B 210 21.55 -0.91 -14.20
CA VAL B 210 21.92 0.47 -14.50
C VAL B 210 22.84 0.56 -15.72
N GLY B 211 23.83 -0.34 -15.75
CA GLY B 211 24.84 -0.33 -16.80
C GLY B 211 24.29 -0.62 -18.18
N SER B 212 23.27 -1.48 -18.26
CA SER B 212 22.71 -1.89 -19.53
C SER B 212 22.03 -0.72 -20.24
N TYR B 213 21.79 0.36 -19.51
CA TYR B 213 21.24 1.57 -20.09
C TYR B 213 22.29 2.67 -20.18
N TYR B 214 23.14 2.76 -19.16
CA TYR B 214 24.19 3.77 -19.15
C TYR B 214 25.17 3.59 -20.30
N PHE B 215 25.40 2.34 -20.69
CA PHE B 215 26.37 2.05 -21.74
C PHE B 215 25.71 1.88 -23.11
N SER B 216 24.49 2.41 -23.24
CA SER B 216 23.85 2.51 -24.55
C SER B 216 24.25 3.85 -25.19
N ASN B 217 25.13 4.56 -24.50
CA ASN B 217 25.65 5.84 -24.95
C ASN B 217 27.14 5.72 -25.26
N PRO B 218 27.53 5.90 -26.52
CA PRO B 218 28.95 5.75 -26.91
C PRO B 218 29.88 6.69 -26.15
N GLN B 219 29.41 7.92 -25.89
CA GLN B 219 30.20 8.91 -25.17
C GLN B 219 30.46 8.45 -23.74
N ALA B 220 29.58 7.63 -23.19
CA ALA B 220 29.80 7.13 -21.84
C ALA B 220 30.81 6.00 -21.92
N ARG B 221 30.68 5.16 -22.94
CA ARG B 221 31.61 4.05 -23.11
C ARG B 221 33.08 4.44 -23.31
N GLU B 222 33.37 5.48 -24.10
CA GLU B 222 34.80 5.84 -24.28
C GLU B 222 35.36 6.60 -23.09
N LEU B 223 34.53 7.34 -22.37
CA LEU B 223 35.02 7.91 -21.12
C LEU B 223 35.35 6.76 -20.17
N ALA B 224 34.57 5.69 -20.29
CA ALA B 224 34.84 4.51 -19.50
C ALA B 224 36.18 3.88 -19.92
N MET B 225 36.41 3.78 -21.23
CA MET B 225 37.67 3.20 -21.73
C MET B 225 38.91 4.03 -21.38
N GLU B 226 38.81 5.36 -21.52
CA GLU B 226 39.92 6.24 -21.15
C GLU B 226 40.16 6.12 -19.65
N PHE B 227 39.08 5.96 -18.89
CA PHE B 227 39.21 5.72 -17.47
C PHE B 227 40.00 4.43 -17.22
N TYR B 228 39.66 3.37 -17.94
CA TYR B 228 40.34 2.09 -17.81
C TYR B 228 41.83 2.25 -18.11
N ARG B 229 42.15 2.99 -19.16
CA ARG B 229 43.55 3.16 -19.54
C ARG B 229 44.31 4.05 -18.56
N GLN B 230 43.64 5.03 -17.98
CA GLN B 230 44.25 5.86 -16.95
C GLN B 230 44.60 5.01 -15.74
N LEU B 231 43.65 4.16 -15.33
CA LEU B 231 43.90 3.25 -14.21
C LEU B 231 45.07 2.32 -14.53
N LEU B 232 45.11 1.82 -15.76
CA LEU B 232 46.18 0.94 -16.20
C LEU B 232 47.51 1.64 -16.11
N ALA B 233 47.53 2.91 -16.53
CA ALA B 233 48.70 3.75 -16.45
C ALA B 233 49.13 3.90 -15.00
N VAL B 234 48.17 4.03 -14.10
CA VAL B 234 48.46 4.15 -12.67
C VAL B 234 49.13 2.88 -12.14
N CYS B 235 48.51 1.74 -12.40
CA CYS B 235 49.02 0.45 -11.93
C CYS B 235 50.40 0.14 -12.48
N GLN B 236 50.60 0.45 -13.76
CA GLN B 236 51.89 0.23 -14.41
C GLN B 236 52.96 1.16 -13.86
N SER B 237 52.58 2.42 -13.65
CA SER B 237 53.49 3.44 -13.15
C SER B 237 53.99 3.08 -11.75
N GLY B 238 53.07 2.56 -10.93
CA GLY B 238 53.42 2.16 -9.59
C GLY B 238 53.30 3.23 -8.52
N GLU B 239 52.98 4.45 -8.92
CA GLU B 239 52.64 5.43 -7.90
C GLU B 239 51.16 5.74 -7.96
N ARG B 240 50.58 5.50 -6.80
CA ARG B 240 49.17 5.52 -6.51
C ARG B 240 48.75 6.90 -6.00
N GLU B 241 49.54 7.93 -6.29
CA GLU B 241 49.34 9.25 -5.68
C GLU B 241 48.02 9.98 -5.96
N HIS B 242 47.53 10.01 -7.20
CA HIS B 242 46.16 10.45 -7.43
C HIS B 242 45.41 9.53 -8.41
N LEU B 243 45.57 8.25 -8.10
CA LEU B 243 44.53 7.27 -8.30
C LEU B 243 43.20 7.85 -7.81
N PRO B 244 43.19 8.45 -6.60
CA PRO B 244 41.90 9.06 -6.23
C PRO B 244 41.45 10.23 -7.15
N GLN B 245 42.37 11.02 -7.68
CA GLN B 245 41.98 12.08 -8.62
C GLN B 245 41.34 11.47 -9.84
N VAL B 246 42.01 10.46 -10.41
CA VAL B 246 41.50 9.77 -11.58
C VAL B 246 40.09 9.28 -11.34
N ILE B 247 39.93 8.56 -10.23
CA ILE B 247 38.66 7.92 -9.91
C ILE B 247 37.52 8.92 -9.72
N ARG B 248 37.78 10.05 -9.07
CA ARG B 248 36.65 10.96 -8.88
C ARG B 248 36.45 11.94 -10.05
N GLN B 249 37.46 12.17 -10.89
CA GLN B 249 37.16 12.88 -12.13
C GLN B 249 36.25 12.01 -12.97
N TYR B 250 36.53 10.70 -13.01
CA TYR B 250 35.62 9.80 -13.70
C TYR B 250 34.25 9.81 -13.02
N GLY B 251 34.26 9.91 -11.69
CA GLY B 251 33.03 9.94 -10.93
C GLY B 251 32.13 11.10 -11.28
N ILE B 252 32.70 12.30 -11.36
CA ILE B 252 31.92 13.50 -11.66
C ILE B 252 31.54 13.57 -13.14
N ALA B 253 32.43 13.10 -14.02
CA ALA B 253 32.16 13.10 -15.45
C ALA B 253 31.01 12.15 -15.79
N SER B 254 31.15 10.90 -15.36
CA SER B 254 30.08 9.92 -15.49
C SER B 254 28.86 10.41 -14.73
N GLY B 255 29.11 11.25 -13.72
CA GLY B 255 28.04 11.87 -12.98
C GLY B 255 27.19 12.77 -13.85
N HIS B 256 27.83 13.60 -14.67
CA HIS B 256 27.11 14.51 -15.56
C HIS B 256 26.43 13.76 -16.70
N ILE B 257 27.12 12.75 -17.23
CA ILE B 257 26.50 11.89 -18.23
C ILE B 257 25.23 11.24 -17.70
N TRP B 258 25.31 10.72 -16.48
CA TRP B 258 24.15 10.09 -15.85
C TRP B 258 23.05 11.12 -15.63
N ASN B 259 23.47 12.32 -15.23
CA ASN B 259 22.53 13.40 -14.99
C ASN B 259 21.75 13.92 -16.19
N GLN B 260 22.31 13.85 -17.39
CA GLN B 260 21.49 14.08 -18.56
C GLN B 260 20.69 12.80 -18.93
N MET B 261 21.29 11.61 -18.80
CA MET B 261 20.57 10.40 -19.20
C MET B 261 19.45 9.94 -18.26
N LYS B 262 19.32 10.52 -17.07
CA LYS B 262 18.25 10.12 -16.11
C LYS B 262 16.91 10.59 -16.64
N MET B 263 16.93 11.68 -17.39
CA MET B 263 15.68 12.31 -17.81
C MET B 263 14.87 11.35 -18.65
N THR B 264 15.47 10.83 -19.71
CA THR B 264 14.78 9.90 -20.60
C THR B 264 15.09 8.46 -20.21
N LEU B 265 14.41 7.96 -19.19
CA LEU B 265 14.59 6.57 -18.79
C LEU B 265 13.71 5.65 -19.60
N PRO B 266 14.29 4.54 -20.09
CA PRO B 266 13.47 3.49 -20.71
C PRO B 266 12.53 3.07 -19.59
N SER B 267 11.30 2.62 -19.81
CA SER B 267 10.56 2.21 -18.64
C SER B 267 10.26 0.69 -18.64
N ASN B 268 11.25 -0.08 -19.05
CA ASN B 268 11.32 -1.49 -18.74
C ASN B 268 12.47 -1.46 -17.75
N PHE B 269 12.79 -0.24 -17.33
CA PHE B 269 13.91 0.03 -16.44
C PHE B 269 13.63 -0.48 -15.05
N THR B 270 12.48 -0.10 -14.49
CA THR B 270 12.14 -0.55 -13.14
C THR B 270 11.15 -1.71 -13.17
N GLU B 271 11.66 -2.89 -13.52
CA GLU B 271 10.85 -4.10 -13.56
C GLU B 271 11.73 -5.33 -13.37
N ASP B 272 11.12 -6.49 -13.16
CA ASP B 272 11.90 -7.72 -13.05
C ASP B 272 11.55 -8.64 -14.22
N LYS E 1 -29.20 -0.20 -30.63
CA LYS E 1 -29.02 -0.31 -29.19
C LYS E 1 -27.92 -1.29 -28.82
N SER E 2 -27.45 -1.21 -27.58
CA SER E 2 -26.36 -2.06 -27.13
C SER E 2 -26.89 -3.20 -26.26
N PRO E 3 -26.25 -4.38 -26.34
CA PRO E 3 -26.75 -5.59 -25.69
C PRO E 3 -26.96 -5.40 -24.20
N ALA E 4 -25.87 -5.16 -23.47
CA ALA E 4 -25.89 -5.01 -22.02
C ALA E 4 -26.80 -3.87 -21.58
N GLY E 5 -26.72 -2.75 -22.29
CA GLY E 5 -27.52 -1.59 -21.97
C GLY E 5 -28.99 -1.87 -22.11
N PHE E 6 -29.35 -2.59 -23.17
CA PHE E 6 -30.73 -2.92 -23.41
C PHE E 6 -31.23 -3.93 -22.39
N ALA E 7 -30.35 -4.84 -21.98
CA ALA E 7 -30.70 -5.81 -20.95
C ALA E 7 -31.02 -5.10 -19.64
N GLU E 8 -30.15 -4.17 -19.26
CA GLU E 8 -30.35 -3.43 -18.02
C GLU E 8 -31.64 -2.61 -18.05
N LYS E 9 -31.86 -1.89 -19.14
CA LYS E 9 -33.05 -1.06 -19.26
C LYS E 9 -34.32 -1.92 -19.28
N TYR E 10 -34.24 -3.05 -19.96
CA TYR E 10 -35.36 -3.99 -20.02
C TYR E 10 -35.72 -4.51 -18.64
N ILE E 11 -34.71 -4.97 -17.90
CA ILE E 11 -34.95 -5.54 -16.58
C ILE E 11 -35.50 -4.48 -15.62
N ILE E 12 -34.85 -3.31 -15.58
CA ILE E 12 -35.29 -2.24 -14.70
C ILE E 12 -36.73 -1.83 -15.00
N GLU E 13 -37.04 -1.64 -16.27
CA GLU E 13 -38.38 -1.23 -16.67
C GLU E 13 -39.40 -2.32 -16.36
N SER E 14 -38.99 -3.58 -16.50
CA SER E 14 -39.88 -4.70 -16.22
C SER E 14 -40.18 -4.78 -14.72
N ILE E 15 -39.20 -4.41 -13.91
CA ILE E 15 -39.42 -4.34 -12.47
C ILE E 15 -40.34 -3.17 -12.12
N TRP E 16 -40.18 -2.07 -12.84
CA TRP E 16 -40.97 -0.87 -12.54
C TRP E 16 -42.44 -1.01 -12.92
N ASN E 17 -42.71 -1.50 -14.13
CA ASN E 17 -44.09 -1.55 -14.61
C ASN E 17 -44.87 -2.73 -14.03
N GLY E 18 -44.16 -3.72 -13.51
CA GLY E 18 -44.80 -4.79 -12.78
C GLY E 18 -44.67 -6.17 -13.40
N ARG E 19 -43.75 -6.32 -14.34
CA ARG E 19 -43.55 -7.62 -14.99
C ARG E 19 -42.64 -8.51 -14.14
N PHE E 20 -41.65 -7.88 -13.51
CA PHE E 20 -40.87 -8.52 -12.47
C PHE E 20 -41.06 -7.75 -11.17
N PRO E 21 -42.25 -7.91 -10.54
CA PRO E 21 -42.61 -7.05 -9.41
C PRO E 21 -41.67 -7.24 -8.23
N PRO E 22 -41.43 -6.17 -7.46
CA PRO E 22 -40.66 -6.27 -6.22
C PRO E 22 -41.28 -7.29 -5.26
N GLY E 23 -40.48 -8.24 -4.81
CA GLY E 23 -40.96 -9.28 -3.92
C GLY E 23 -41.07 -10.64 -4.60
N SER E 24 -41.05 -10.63 -5.93
CA SER E 24 -41.12 -11.88 -6.69
C SER E 24 -39.71 -12.43 -6.93
N ILE E 25 -39.61 -13.46 -7.77
CA ILE E 25 -38.31 -14.01 -8.12
C ILE E 25 -38.04 -13.83 -9.61
N LEU E 26 -36.89 -13.24 -9.91
CA LEU E 26 -36.42 -13.07 -11.28
C LEU E 26 -36.18 -14.44 -11.90
N PRO E 27 -36.62 -14.63 -13.16
CA PRO E 27 -36.46 -15.93 -13.83
C PRO E 27 -35.00 -16.36 -13.90
N ALA E 28 -34.77 -17.65 -14.16
CA ALA E 28 -33.42 -18.17 -14.22
C ALA E 28 -32.62 -17.43 -15.29
N GLU E 29 -31.31 -17.34 -15.08
CA GLU E 29 -30.44 -16.61 -16.00
C GLU E 29 -30.53 -17.16 -17.42
N ARG E 30 -30.58 -18.48 -17.54
CA ARG E 30 -30.69 -19.15 -18.83
C ARG E 30 -31.98 -18.78 -19.56
N GLU E 31 -33.04 -18.51 -18.80
CA GLU E 31 -34.32 -18.13 -19.36
C GLU E 31 -34.37 -16.66 -19.73
N LEU E 32 -33.73 -15.83 -18.91
CA LEU E 32 -33.69 -14.40 -19.16
C LEU E 32 -32.86 -14.12 -20.41
N SER E 33 -31.87 -14.97 -20.62
CA SER E 33 -31.00 -14.89 -21.80
C SER E 33 -31.74 -15.06 -23.13
N GLU E 34 -32.73 -15.95 -23.16
CA GLU E 34 -33.47 -16.19 -24.40
C GLU E 34 -34.78 -15.40 -24.40
N LEU E 35 -35.13 -14.83 -23.25
CA LEU E 35 -36.31 -13.98 -23.16
C LEU E 35 -35.99 -12.57 -23.63
N ILE E 36 -34.75 -12.14 -23.39
CA ILE E 36 -34.34 -10.78 -23.71
C ILE E 36 -33.69 -10.68 -25.09
N GLY E 37 -32.77 -11.60 -25.37
CA GLY E 37 -32.10 -11.63 -26.66
C GLY E 37 -30.60 -11.39 -26.54
N VAL E 38 -30.09 -11.48 -25.31
CA VAL E 38 -28.67 -11.33 -25.05
C VAL E 38 -28.07 -12.66 -24.60
N THR E 39 -26.77 -12.83 -24.78
CA THR E 39 -26.09 -14.04 -24.33
C THR E 39 -26.12 -14.09 -22.80
N ARG E 40 -25.85 -15.26 -22.24
CA ARG E 40 -25.95 -15.41 -20.79
C ARG E 40 -24.92 -14.55 -20.07
N THR E 41 -23.67 -14.61 -20.52
CA THR E 41 -22.56 -13.87 -19.91
C THR E 41 -22.86 -12.37 -19.73
N THR E 42 -23.25 -11.72 -20.83
CA THR E 42 -23.59 -10.31 -20.83
C THR E 42 -24.72 -10.02 -19.83
N LEU E 43 -25.74 -10.88 -19.87
CA LEU E 43 -26.88 -10.77 -18.97
C LEU E 43 -26.41 -10.88 -17.52
N ARG E 44 -25.38 -11.68 -17.29
CA ARG E 44 -24.85 -11.86 -15.94
C ARG E 44 -24.11 -10.61 -15.48
N GLU E 45 -23.39 -9.95 -16.39
CA GLU E 45 -22.74 -8.70 -16.04
C GLU E 45 -23.78 -7.64 -15.69
N VAL E 46 -24.83 -7.58 -16.50
CA VAL E 46 -25.97 -6.71 -16.22
C VAL E 46 -26.55 -7.00 -14.83
N LEU E 47 -26.72 -8.28 -14.52
CA LEU E 47 -27.29 -8.70 -13.24
C LEU E 47 -26.42 -8.31 -12.07
N GLN E 48 -25.11 -8.46 -12.21
CA GLN E 48 -24.18 -8.08 -11.16
C GLN E 48 -24.26 -6.58 -10.91
N ARG E 49 -24.31 -5.81 -11.99
CA ARG E 49 -24.47 -4.35 -11.85
C ARG E 49 -25.74 -4.00 -11.09
N LEU E 50 -26.87 -4.52 -11.57
CA LEU E 50 -28.17 -4.21 -10.98
C LEU E 50 -28.26 -4.62 -9.52
N ALA E 51 -27.74 -5.81 -9.22
CA ALA E 51 -27.72 -6.31 -7.85
C ALA E 51 -26.85 -5.43 -6.98
N ARG E 52 -25.75 -4.94 -7.54
CA ARG E 52 -24.86 -4.07 -6.78
C ARG E 52 -25.50 -2.72 -6.48
N ASP E 53 -26.41 -2.27 -7.34
CA ASP E 53 -27.16 -1.05 -7.03
C ASP E 53 -28.38 -1.30 -6.13
N GLY E 54 -28.78 -2.56 -6.00
CA GLY E 54 -29.83 -2.92 -5.07
C GLY E 54 -31.19 -3.28 -5.64
N TRP E 55 -31.23 -3.70 -6.90
CA TRP E 55 -32.47 -4.10 -7.54
C TRP E 55 -32.77 -5.57 -7.29
N LEU E 56 -31.71 -6.34 -7.03
CA LEU E 56 -31.82 -7.78 -6.90
C LEU E 56 -31.05 -8.31 -5.70
N THR E 57 -31.39 -9.52 -5.30
CA THR E 57 -30.58 -10.25 -4.34
C THR E 57 -30.14 -11.56 -4.98
N ILE E 58 -28.84 -11.70 -5.17
CA ILE E 58 -28.31 -12.87 -5.84
C ILE E 58 -27.41 -13.67 -4.89
N GLN E 59 -27.55 -14.99 -4.96
CA GLN E 59 -26.69 -15.93 -4.24
C GLN E 59 -26.95 -17.28 -4.86
N HIS E 60 -25.90 -18.04 -5.19
CA HIS E 60 -26.12 -19.20 -6.05
C HIS E 60 -26.67 -20.41 -5.32
N GLY E 61 -27.48 -21.17 -6.06
CA GLY E 61 -28.33 -22.21 -5.51
C GLY E 61 -29.74 -21.69 -5.33
N LYS E 62 -29.87 -20.45 -4.84
CA LYS E 62 -31.18 -19.85 -4.65
C LYS E 62 -31.59 -19.05 -5.88
N PRO E 63 -32.91 -18.90 -6.10
CA PRO E 63 -33.36 -18.10 -7.25
C PRO E 63 -33.10 -16.62 -7.02
N THR E 64 -32.76 -15.90 -8.08
CA THR E 64 -32.56 -14.46 -7.97
C THR E 64 -33.87 -13.81 -7.57
N LYS E 65 -33.86 -13.11 -6.44
CA LYS E 65 -35.07 -12.49 -5.93
C LYS E 65 -35.07 -10.99 -6.21
N VAL E 66 -36.19 -10.50 -6.72
CA VAL E 66 -36.33 -9.08 -7.04
C VAL E 66 -36.57 -8.29 -5.77
N ASN E 67 -35.56 -7.49 -5.39
CA ASN E 67 -35.61 -6.71 -4.16
C ASN E 67 -36.76 -5.72 -4.11
N GLN E 68 -37.13 -5.33 -2.89
CA GLN E 68 -38.02 -4.21 -2.70
C GLN E 68 -37.17 -2.94 -2.69
N PHE E 69 -36.87 -2.41 -3.86
CA PHE E 69 -36.08 -1.17 -3.94
C PHE E 69 -36.82 -0.06 -3.21
N MET E 70 -36.12 1.04 -2.95
CA MET E 70 -36.53 2.11 -2.03
C MET E 70 -36.29 1.64 -0.60
N GLU E 71 -35.91 0.37 -0.45
CA GLU E 71 -35.57 -0.21 0.83
C GLU E 71 -34.19 -0.84 0.76
N THR E 72 -33.69 -0.98 -0.47
CA THR E 72 -32.37 -1.58 -0.70
C THR E 72 -31.43 -0.64 -1.44
N SER E 73 -31.99 0.17 -2.34
CA SER E 73 -31.17 1.03 -3.19
C SER E 73 -30.81 2.31 -2.45
N GLY E 74 -29.86 3.07 -2.99
CA GLY E 74 -29.36 4.26 -2.34
C GLY E 74 -29.83 5.54 -3.02
N LEU E 75 -29.09 6.62 -2.81
CA LEU E 75 -29.47 7.94 -3.31
C LEU E 75 -29.46 8.03 -4.83
N HIS E 76 -28.97 6.99 -5.49
CA HIS E 76 -28.80 7.00 -6.94
C HIS E 76 -30.10 6.81 -7.72
N ILE E 77 -31.02 6.00 -7.19
CA ILE E 77 -32.26 5.71 -7.92
C ILE E 77 -33.09 6.94 -8.23
N LEU E 78 -32.89 8.04 -7.52
CA LEU E 78 -33.68 9.24 -7.75
C LEU E 78 -33.58 9.74 -9.19
N ASP E 79 -32.41 9.55 -9.81
CA ASP E 79 -32.21 9.91 -11.21
C ASP E 79 -33.01 8.97 -12.13
N THR E 80 -32.88 7.67 -11.88
CA THR E 80 -33.57 6.65 -12.66
C THR E 80 -35.10 6.78 -12.58
N LEU E 81 -35.58 7.12 -11.39
CA LEU E 81 -37.00 7.34 -11.13
C LEU E 81 -37.55 8.48 -11.98
N MET E 82 -36.71 9.48 -12.25
CA MET E 82 -37.10 10.59 -13.10
C MET E 82 -37.47 10.12 -14.50
N THR E 83 -36.75 9.13 -15.01
CA THR E 83 -36.98 8.64 -16.37
C THR E 83 -37.88 7.41 -16.36
N LEU E 84 -38.24 6.93 -15.17
CA LEU E 84 -39.18 5.83 -15.02
C LEU E 84 -40.56 6.31 -14.57
N ASP E 85 -40.57 7.39 -13.81
CA ASP E 85 -41.81 7.95 -13.30
C ASP E 85 -41.77 9.43 -13.67
N ALA E 86 -41.84 9.72 -14.97
CA ALA E 86 -41.74 11.11 -15.47
C ALA E 86 -42.89 12.00 -15.02
N GLU E 87 -44.08 11.40 -14.94
CA GLU E 87 -45.26 12.05 -14.39
C GLU E 87 -44.96 12.66 -13.02
N ASN E 88 -44.05 12.05 -12.26
CA ASN E 88 -43.75 12.53 -10.92
C ASN E 88 -42.35 13.15 -10.82
N ALA E 89 -41.77 13.49 -11.97
CA ALA E 89 -40.52 14.23 -12.01
C ALA E 89 -40.71 15.58 -11.33
N THR E 90 -41.95 16.04 -11.30
CA THR E 90 -42.33 17.23 -10.56
C THR E 90 -41.88 17.13 -9.11
N SER E 91 -42.22 16.01 -8.45
CA SER E 91 -41.98 15.90 -7.01
C SER E 91 -40.51 15.67 -6.67
N ILE E 92 -39.85 14.80 -7.43
CA ILE E 92 -38.47 14.41 -7.17
C ILE E 92 -37.53 15.61 -7.01
N VAL E 93 -37.59 16.51 -7.98
CA VAL E 93 -36.76 17.72 -7.95
C VAL E 93 -37.03 18.49 -6.67
N GLU E 94 -38.31 18.60 -6.29
CA GLU E 94 -38.65 19.36 -5.09
C GLU E 94 -38.16 18.68 -3.83
N ASP E 95 -37.91 17.37 -3.90
CA ASP E 95 -37.24 16.71 -2.80
C ASP E 95 -35.79 17.16 -2.79
N LEU E 96 -35.15 17.06 -3.96
CA LEU E 96 -33.75 17.42 -4.13
C LEU E 96 -33.48 18.84 -3.67
N LEU E 97 -34.40 19.74 -4.00
CA LEU E 97 -34.27 21.14 -3.62
C LEU E 97 -34.54 21.33 -2.13
N ALA E 98 -35.45 20.53 -1.59
CA ALA E 98 -35.81 20.66 -0.18
C ALA E 98 -34.67 20.16 0.71
N ALA E 99 -34.22 18.94 0.45
CA ALA E 99 -33.10 18.34 1.19
C ALA E 99 -31.90 19.27 1.23
N ARG E 100 -31.49 19.78 0.07
CA ARG E 100 -30.35 20.67 0.01
C ARG E 100 -30.59 21.92 0.84
N THR E 101 -31.83 22.39 0.86
CA THR E 101 -32.16 23.60 1.62
C THR E 101 -32.18 23.29 3.12
N ASN E 102 -32.42 22.02 3.46
CA ASN E 102 -32.52 21.63 4.86
C ASN E 102 -31.16 21.37 5.49
N ILE E 103 -30.28 20.68 4.77
CA ILE E 103 -29.02 20.22 5.32
C ILE E 103 -27.86 21.16 5.03
N SER E 104 -28.08 22.15 4.17
CA SER E 104 -27.05 23.14 3.87
C SER E 104 -26.64 24.00 5.08
N PRO E 105 -27.61 24.46 5.90
CA PRO E 105 -27.15 25.18 7.08
C PRO E 105 -26.36 24.32 8.06
N ILE E 106 -26.49 23.00 7.94
CA ILE E 106 -25.81 22.08 8.85
C ILE E 106 -24.33 21.96 8.51
N PHE E 107 -24.02 21.62 7.26
CA PHE E 107 -22.63 21.35 6.92
C PHE E 107 -21.84 22.63 6.63
N MET E 108 -22.51 23.67 6.14
CA MET E 108 -21.81 24.90 5.83
C MET E 108 -21.31 25.67 7.06
N ARG E 109 -22.07 25.66 8.14
CA ARG E 109 -21.65 26.39 9.33
C ARG E 109 -20.40 25.69 9.89
N TYR E 110 -20.42 24.36 9.95
CA TYR E 110 -19.25 23.66 10.46
C TYR E 110 -18.11 24.00 9.51
N ALA E 111 -18.42 24.05 8.22
CA ALA E 111 -17.40 24.30 7.21
C ALA E 111 -16.83 25.68 7.41
N PHE E 112 -17.67 26.59 7.88
CA PHE E 112 -17.25 27.97 8.04
C PHE E 112 -16.41 28.19 9.29
N LYS E 113 -16.42 27.23 10.21
CA LYS E 113 -15.59 27.38 11.42
C LYS E 113 -14.33 26.55 11.43
N LEU E 114 -14.45 25.28 11.05
CA LEU E 114 -13.29 24.40 11.05
C LEU E 114 -12.36 24.79 9.90
N ASN E 115 -12.88 24.78 8.68
CA ASN E 115 -12.04 25.15 7.53
C ASN E 115 -12.48 26.47 6.92
N LYS E 116 -12.33 27.54 7.70
CA LYS E 116 -12.80 28.88 7.33
C LYS E 116 -12.31 29.35 5.95
N GLU E 117 -10.99 29.44 5.76
CA GLU E 117 -10.46 29.94 4.48
C GLU E 117 -10.27 28.91 3.33
N SER E 118 -10.32 27.61 3.58
CA SER E 118 -10.37 26.70 2.45
C SER E 118 -11.77 26.90 1.84
N ALA E 119 -12.73 27.15 2.74
CA ALA E 119 -14.10 27.43 2.34
C ALA E 119 -14.12 28.71 1.52
N GLU E 120 -13.65 29.81 2.08
CA GLU E 120 -13.56 31.07 1.32
C GLU E 120 -12.82 30.94 0.01
N ARG E 121 -11.81 30.08 0.01
CA ARG E 121 -10.97 29.90 -1.17
C ARG E 121 -11.75 29.28 -2.31
N ILE E 122 -12.42 28.16 -2.01
CA ILE E 122 -13.20 27.50 -3.05
C ILE E 122 -14.44 28.32 -3.42
N MET E 123 -14.98 29.06 -2.46
CA MET E 123 -16.13 29.90 -2.73
C MET E 123 -15.78 31.04 -3.68
N ILE E 124 -14.69 31.74 -3.38
CA ILE E 124 -14.19 32.80 -4.25
C ILE E 124 -13.88 32.22 -5.62
N ASN E 125 -13.22 31.07 -5.64
CA ASN E 125 -12.94 30.36 -6.88
C ASN E 125 -14.19 30.17 -7.73
N VAL E 126 -15.27 29.72 -7.09
CA VAL E 126 -16.54 29.50 -7.78
C VAL E 126 -17.10 30.81 -8.31
N ILE E 127 -17.17 31.83 -7.47
CA ILE E 127 -17.73 33.12 -7.85
C ILE E 127 -16.99 33.76 -9.02
N GLU E 128 -15.66 33.74 -8.99
CA GLU E 128 -14.90 34.36 -10.07
C GLU E 128 -14.92 33.53 -11.34
N SER E 129 -14.98 32.21 -11.19
CA SER E 129 -15.09 31.34 -12.35
C SER E 129 -16.49 31.42 -12.95
N CYS E 130 -17.43 31.95 -12.18
CA CYS E 130 -18.79 32.13 -12.65
C CYS E 130 -18.94 33.45 -13.39
N GLU E 131 -17.84 33.94 -13.95
CA GLU E 131 -17.90 35.10 -14.83
C GLU E 131 -17.94 34.65 -16.28
N ALA E 132 -18.64 33.54 -16.51
CA ALA E 132 -19.00 33.11 -17.85
C ALA E 132 -20.19 33.93 -18.30
N LEU E 133 -20.74 34.70 -17.37
CA LEU E 133 -21.92 35.52 -17.61
C LEU E 133 -21.59 36.89 -18.21
N VAL E 134 -20.66 37.60 -17.57
CA VAL E 134 -20.29 38.93 -18.03
C VAL E 134 -19.33 38.91 -19.22
N ASN E 135 -19.32 37.81 -19.96
CA ASN E 135 -18.42 37.64 -21.10
C ASN E 135 -19.13 37.06 -22.32
N ALA E 136 -18.56 37.33 -23.50
CA ALA E 136 -19.02 36.77 -24.76
C ALA E 136 -18.97 35.23 -24.72
N PRO E 137 -19.93 34.58 -25.42
CA PRO E 137 -20.27 33.15 -25.31
C PRO E 137 -19.12 32.15 -25.34
N SER E 138 -17.98 32.47 -25.94
CA SER E 138 -16.86 31.54 -25.79
C SER E 138 -15.82 32.14 -24.88
N TRP E 139 -15.90 31.69 -23.64
CA TRP E 139 -15.07 32.16 -22.56
C TRP E 139 -14.08 31.01 -22.35
N ASP E 140 -14.16 30.06 -23.29
CA ASP E 140 -13.36 28.84 -23.30
C ASP E 140 -11.83 29.05 -23.21
N ALA E 141 -11.42 30.32 -23.28
CA ALA E 141 -10.02 30.75 -23.14
C ALA E 141 -9.72 31.60 -21.90
N PHE E 142 -9.74 30.96 -20.75
CA PHE E 142 -9.51 31.55 -19.44
C PHE E 142 -9.16 30.30 -18.61
N ILE E 143 -9.45 30.33 -17.32
CA ILE E 143 -9.53 29.14 -16.45
C ILE E 143 -8.32 28.20 -16.43
N ALA E 144 -7.55 28.08 -17.51
CA ALA E 144 -6.99 26.77 -17.93
C ALA E 144 -8.23 25.93 -18.08
N ALA E 145 -8.93 26.28 -19.16
CA ALA E 145 -10.29 25.84 -19.40
C ALA E 145 -10.58 24.58 -20.16
N SER E 146 -9.84 23.49 -19.98
CA SER E 146 -10.37 22.29 -20.60
C SER E 146 -10.33 21.03 -19.73
N PRO E 147 -10.02 21.13 -18.43
CA PRO E 147 -10.51 19.94 -17.77
C PRO E 147 -12.05 20.06 -17.64
N TYR E 148 -12.70 19.96 -18.79
CA TYR E 148 -14.14 19.98 -18.89
C TYR E 148 -14.56 18.81 -19.74
N ALA E 149 -14.23 17.63 -19.23
CA ALA E 149 -14.71 16.37 -19.76
C ALA E 149 -16.10 16.15 -19.20
N GLU E 150 -16.49 16.96 -18.22
CA GLU E 150 -17.84 16.91 -17.68
C GLU E 150 -18.82 17.66 -18.57
N LYS E 151 -18.38 18.81 -19.06
CA LYS E 151 -19.19 19.59 -19.96
C LYS E 151 -18.84 19.39 -21.44
N ILE E 152 -19.67 18.59 -22.08
CA ILE E 152 -19.58 18.31 -23.50
C ILE E 152 -20.99 18.17 -24.02
N GLN E 153 -21.26 18.77 -25.17
CA GLN E 153 -22.56 18.59 -25.75
C GLN E 153 -22.47 18.53 -27.24
N GLN E 154 -22.77 17.37 -27.80
CA GLN E 154 -23.00 17.31 -29.23
C GLN E 154 -24.50 17.35 -29.48
N HIS E 155 -25.01 18.56 -29.57
CA HIS E 155 -26.39 18.87 -29.91
C HIS E 155 -26.65 18.59 -31.38
N VAL E 156 -27.49 17.60 -31.72
CA VAL E 156 -27.84 17.39 -33.12
C VAL E 156 -29.32 16.93 -33.42
N LYS E 157 -30.30 17.36 -32.64
CA LYS E 157 -31.64 17.39 -33.24
C LYS E 157 -31.74 18.79 -33.81
N GLU E 158 -31.43 18.89 -35.11
CA GLU E 158 -31.23 20.18 -35.79
C GLU E 158 -31.71 20.20 -37.19
N ASP E 159 -31.96 21.41 -37.64
CA ASP E 159 -32.58 21.60 -38.92
C ASP E 159 -31.95 22.82 -39.58
N SER E 160 -31.54 23.79 -38.76
CA SER E 160 -31.14 25.11 -39.25
C SER E 160 -29.83 25.67 -38.72
N GLU E 161 -29.70 26.98 -38.85
CA GLU E 161 -28.47 27.67 -38.50
C GLU E 161 -28.61 28.39 -37.15
N LYS E 162 -28.85 27.62 -36.10
CA LYS E 162 -28.79 28.12 -34.72
C LYS E 162 -28.32 27.03 -33.77
N ASP E 163 -27.93 25.88 -34.33
CA ASP E 163 -27.33 24.78 -33.57
C ASP E 163 -26.08 25.09 -32.73
N GLU E 164 -25.52 26.29 -32.84
CA GLU E 164 -24.47 26.68 -31.91
C GLU E 164 -24.88 27.94 -31.16
N LEU E 165 -26.01 28.53 -31.54
CA LEU E 165 -26.60 29.56 -30.69
C LEU E 165 -27.43 28.93 -29.57
N LYS E 166 -28.05 27.79 -29.84
CA LYS E 166 -28.72 27.05 -28.78
C LYS E 166 -27.67 26.29 -27.97
N ARG E 167 -26.66 25.80 -28.68
CA ARG E 167 -25.70 24.91 -28.05
C ARG E 167 -24.90 25.63 -26.98
N GLN E 168 -24.55 26.90 -27.23
CA GLN E 168 -23.79 27.69 -26.26
C GLN E 168 -24.63 28.13 -25.06
N GLU E 169 -25.94 28.28 -25.25
CA GLU E 169 -26.81 28.55 -24.11
C GLU E 169 -26.86 27.33 -23.21
N ILE E 170 -27.04 26.17 -23.83
CA ILE E 170 -27.06 24.94 -23.05
C ILE E 170 -25.70 24.71 -22.38
N LEU E 171 -24.64 25.14 -23.06
CA LEU E 171 -23.29 24.99 -22.55
C LEU E 171 -23.16 25.88 -21.31
N ILE E 172 -23.73 27.06 -21.37
CA ILE E 172 -23.67 27.99 -20.23
C ILE E 172 -24.42 27.43 -19.03
N ALA E 173 -25.61 26.89 -19.28
CA ALA E 173 -26.37 26.26 -18.21
C ALA E 173 -25.53 25.15 -17.57
N LYS E 174 -24.90 24.34 -18.42
CA LYS E 174 -24.09 23.23 -17.94
C LYS E 174 -22.89 23.69 -17.10
N THR E 175 -22.23 24.78 -17.47
CA THR E 175 -21.06 25.21 -16.68
C THR E 175 -21.47 25.83 -15.36
N PHE E 176 -22.56 26.60 -15.38
CA PHE E 176 -22.99 27.23 -14.14
C PHE E 176 -23.42 26.14 -13.18
N ASN E 177 -24.05 25.10 -13.72
CA ASN E 177 -24.39 23.93 -12.91
C ASN E 177 -23.16 23.22 -12.37
N PHE E 178 -22.15 23.11 -13.22
CA PHE E 178 -20.86 22.51 -12.87
C PHE E 178 -20.28 23.18 -11.62
N TYR E 179 -20.25 24.51 -11.65
CA TYR E 179 -19.66 25.28 -10.55
C TYR E 179 -20.57 25.31 -9.32
N ASP E 180 -21.87 25.32 -9.53
CA ASP E 180 -22.85 25.26 -8.44
C ASP E 180 -22.64 23.98 -7.63
N TYR E 181 -22.63 22.85 -8.33
CA TYR E 181 -22.41 21.56 -7.70
C TYR E 181 -21.05 21.54 -7.01
N MET E 182 -20.04 22.10 -7.69
CA MET E 182 -18.72 22.18 -7.09
C MET E 182 -18.77 22.88 -5.73
N LEU E 183 -19.47 24.01 -5.69
CA LEU E 183 -19.61 24.78 -4.46
C LEU E 183 -20.23 23.96 -3.35
N PHE E 184 -21.44 23.47 -3.60
CA PHE E 184 -22.18 22.76 -2.56
C PHE E 184 -21.45 21.50 -2.07
N GLN E 185 -20.89 20.73 -3.01
CA GLN E 185 -20.24 19.48 -2.65
C GLN E 185 -18.92 19.70 -1.91
N ARG E 186 -18.07 20.57 -2.46
CA ARG E 186 -16.78 20.86 -1.85
C ARG E 186 -16.97 21.47 -0.47
N LEU E 187 -17.99 22.31 -0.30
CA LEU E 187 -18.32 22.84 1.01
C LEU E 187 -18.88 21.74 1.92
N ALA E 188 -19.52 20.75 1.33
CA ALA E 188 -20.12 19.66 2.10
C ALA E 188 -19.07 18.68 2.60
N PHE E 189 -17.90 18.67 1.97
CA PHE E 189 -16.80 17.82 2.46
C PHE E 189 -15.95 18.54 3.49
N HIS E 190 -15.88 19.87 3.40
CA HIS E 190 -15.07 20.65 4.32
C HIS E 190 -15.79 20.94 5.64
N SER E 191 -16.80 20.13 5.95
CA SER E 191 -17.50 20.23 7.21
C SER E 191 -16.86 19.31 8.25
N GLY E 192 -15.94 18.46 7.78
CA GLY E 192 -15.27 17.52 8.64
C GLY E 192 -16.02 16.21 8.74
N ASN E 193 -17.20 16.17 8.13
CA ASN E 193 -18.00 14.95 8.08
C ASN E 193 -18.21 14.53 6.63
N GLN E 194 -17.66 13.38 6.28
CA GLN E 194 -17.68 12.90 4.90
C GLN E 194 -19.09 12.71 4.36
N ILE E 195 -19.99 12.23 5.21
CA ILE E 195 -21.34 11.87 4.83
C ILE E 195 -22.05 12.95 4.02
N TYR E 196 -21.87 14.21 4.41
CA TYR E 196 -22.50 15.32 3.68
C TYR E 196 -21.96 15.44 2.27
N GLY E 197 -20.71 15.07 2.06
CA GLY E 197 -20.12 15.10 0.74
C GLY E 197 -20.57 13.90 -0.07
N LEU E 198 -20.63 12.75 0.57
CA LEU E 198 -21.06 11.51 -0.09
C LEU E 198 -22.52 11.63 -0.54
N ILE E 199 -23.31 12.40 0.21
CA ILE E 199 -24.70 12.65 -0.15
C ILE E 199 -24.78 13.33 -1.51
N PHE E 200 -23.97 14.38 -1.67
CA PHE E 200 -23.91 15.11 -2.93
C PHE E 200 -23.36 14.22 -4.05
N ASN E 201 -22.34 13.42 -3.73
CA ASN E 201 -21.81 12.47 -4.72
C ASN E 201 -22.88 11.52 -5.22
N GLY E 202 -23.76 11.09 -4.32
CA GLY E 202 -24.83 10.17 -4.67
C GLY E 202 -25.89 10.80 -5.53
N LEU E 203 -26.18 12.07 -5.27
CA LEU E 203 -27.26 12.78 -5.95
C LEU E 203 -26.77 13.53 -7.19
N LYS E 204 -25.53 13.29 -7.59
CA LYS E 204 -24.89 14.13 -8.60
C LYS E 204 -25.56 14.11 -9.97
N LYS E 205 -26.03 12.96 -10.43
CA LYS E 205 -26.66 12.87 -11.74
C LYS E 205 -27.96 13.67 -11.77
N LEU E 206 -28.72 13.55 -10.69
CA LEU E 206 -29.96 14.31 -10.54
C LEU E 206 -29.64 15.80 -10.44
N TYR E 207 -28.58 16.11 -9.70
CA TYR E 207 -28.15 17.48 -9.48
C TYR E 207 -27.81 18.17 -10.80
N ASP E 208 -27.05 17.46 -11.63
CA ASP E 208 -26.62 17.96 -12.93
C ASP E 208 -27.78 18.05 -13.91
N ARG E 209 -28.64 17.04 -13.93
CA ARG E 209 -29.80 17.08 -14.81
C ARG E 209 -30.70 18.26 -14.49
N VAL E 210 -30.94 18.50 -13.21
CA VAL E 210 -31.78 19.62 -12.79
C VAL E 210 -31.10 20.95 -13.08
N GLY E 211 -29.81 21.03 -12.75
CA GLY E 211 -29.06 22.26 -12.91
C GLY E 211 -28.86 22.69 -14.36
N SER E 212 -28.70 21.71 -15.25
CA SER E 212 -28.44 22.00 -16.66
C SER E 212 -29.64 22.65 -17.35
N TYR E 213 -30.79 22.58 -16.71
CA TYR E 213 -31.97 23.25 -17.25
C TYR E 213 -32.33 24.48 -16.40
N TYR E 214 -32.20 24.35 -15.09
CA TYR E 214 -32.48 25.47 -14.19
C TYR E 214 -31.56 26.66 -14.46
N PHE E 215 -30.33 26.38 -14.89
CA PHE E 215 -29.37 27.45 -15.13
C PHE E 215 -29.35 27.86 -16.60
N SER E 216 -30.41 27.51 -17.33
CA SER E 216 -30.60 28.01 -18.68
C SER E 216 -31.39 29.31 -18.60
N ASN E 217 -31.65 29.75 -17.37
CA ASN E 217 -32.36 30.99 -17.13
C ASN E 217 -31.39 31.93 -16.43
N PRO E 218 -31.03 33.04 -17.09
CA PRO E 218 -30.07 34.01 -16.54
C PRO E 218 -30.55 34.55 -15.18
N GLN E 219 -31.87 34.65 -15.05
CA GLN E 219 -32.51 35.15 -13.84
C GLN E 219 -32.16 34.30 -12.63
N ALA E 220 -31.89 33.03 -12.89
CA ALA E 220 -31.49 32.10 -11.83
C ALA E 220 -30.01 32.20 -11.54
N ARG E 221 -29.22 32.36 -12.59
CA ARG E 221 -27.77 32.47 -12.46
C ARG E 221 -27.35 33.69 -11.63
N GLU E 222 -28.06 34.80 -11.80
CA GLU E 222 -27.66 36.00 -11.06
C GLU E 222 -28.03 35.91 -9.57
N LEU E 223 -29.15 35.26 -9.27
CA LEU E 223 -29.50 34.98 -7.87
C LEU E 223 -28.54 33.98 -7.26
N ALA E 224 -28.07 33.04 -8.06
CA ALA E 224 -27.11 32.05 -7.58
C ALA E 224 -25.81 32.72 -7.19
N MET E 225 -25.32 33.62 -8.06
CA MET E 225 -24.09 34.34 -7.74
C MET E 225 -24.28 35.24 -6.51
N GLU E 226 -25.44 35.89 -6.42
CA GLU E 226 -25.71 36.74 -5.26
C GLU E 226 -25.71 35.92 -3.97
N PHE E 227 -26.27 34.72 -4.07
CA PHE E 227 -26.27 33.77 -2.97
C PHE E 227 -24.84 33.41 -2.57
N TYR E 228 -24.01 33.14 -3.57
CA TYR E 228 -22.61 32.79 -3.34
C TYR E 228 -21.89 33.90 -2.60
N ARG E 229 -22.10 35.15 -3.02
CA ARG E 229 -21.41 36.27 -2.39
C ARG E 229 -21.93 36.52 -0.97
N GLN E 230 -23.21 36.26 -0.75
CA GLN E 230 -23.76 36.38 0.60
C GLN E 230 -23.13 35.34 1.53
N LEU E 231 -23.03 34.10 1.04
CA LEU E 231 -22.39 33.04 1.81
C LEU E 231 -20.93 33.40 2.11
N LEU E 232 -20.25 33.99 1.13
CA LEU E 232 -18.86 34.40 1.31
C LEU E 232 -18.78 35.45 2.41
N ALA E 233 -19.71 36.39 2.38
CA ALA E 233 -19.79 37.43 3.40
C ALA E 233 -20.00 36.82 4.79
N VAL E 234 -20.82 35.78 4.85
CA VAL E 234 -21.07 35.09 6.11
C VAL E 234 -19.80 34.43 6.65
N CYS E 235 -19.14 33.65 5.79
CA CYS E 235 -17.93 32.93 6.19
C CYS E 235 -16.82 33.91 6.61
N GLN E 236 -16.68 35.00 5.87
CA GLN E 236 -15.67 36.00 6.17
C GLN E 236 -15.97 36.73 7.48
N SER E 237 -17.23 37.09 7.66
CA SER E 237 -17.66 37.82 8.85
C SER E 237 -17.49 36.95 10.08
N GLY E 238 -17.84 35.67 9.97
CA GLY E 238 -17.74 34.77 11.09
C GLY E 238 -19.05 34.81 11.87
N GLU E 239 -20.00 35.60 11.35
CA GLU E 239 -21.33 35.64 11.93
C GLU E 239 -22.23 34.60 11.29
N ARG E 240 -22.35 33.45 11.95
CA ARG E 240 -23.07 32.33 11.38
C ARG E 240 -24.51 32.39 11.80
N GLU E 241 -24.86 33.49 12.47
CA GLU E 241 -26.21 33.69 12.92
C GLU E 241 -27.11 33.99 11.73
N HIS E 242 -26.60 34.55 10.64
CA HIS E 242 -27.62 34.76 9.64
C HIS E 242 -27.34 33.93 8.37
N LEU E 243 -26.58 32.84 8.56
CA LEU E 243 -26.42 31.75 7.59
C LEU E 243 -27.77 31.08 7.26
N PRO E 244 -28.55 30.69 8.29
CA PRO E 244 -29.83 30.06 7.94
C PRO E 244 -30.76 31.02 7.21
N GLN E 245 -30.66 32.30 7.55
CA GLN E 245 -31.50 33.32 6.94
C GLN E 245 -31.28 33.32 5.44
N VAL E 246 -30.00 33.41 5.10
CA VAL E 246 -29.53 33.41 3.72
C VAL E 246 -30.01 32.17 2.97
N ILE E 247 -29.76 31.00 3.56
CA ILE E 247 -30.09 29.76 2.88
C ILE E 247 -31.58 29.59 2.62
N ARG E 248 -32.44 30.03 3.54
CA ARG E 248 -33.87 29.81 3.26
C ARG E 248 -34.46 30.88 2.38
N GLN E 249 -33.90 32.10 2.38
CA GLN E 249 -34.31 33.04 1.34
C GLN E 249 -33.90 32.62 -0.07
N TYR E 250 -32.67 32.09 -0.21
CA TYR E 250 -32.28 31.57 -1.51
C TYR E 250 -33.17 30.41 -1.89
N GLY E 251 -33.55 29.62 -0.88
CA GLY E 251 -34.42 28.48 -1.07
C GLY E 251 -35.77 28.88 -1.62
N ILE E 252 -36.36 29.93 -1.05
CA ILE E 252 -37.67 30.36 -1.49
C ILE E 252 -37.63 31.05 -2.84
N ALA E 253 -36.57 31.83 -3.09
CA ALA E 253 -36.44 32.55 -4.35
C ALA E 253 -36.22 31.61 -5.53
N SER E 254 -35.19 30.77 -5.40
CA SER E 254 -34.91 29.76 -6.41
C SER E 254 -36.08 28.79 -6.50
N GLY E 255 -36.80 28.66 -5.40
CA GLY E 255 -38.00 27.84 -5.35
C GLY E 255 -39.07 28.37 -6.28
N HIS E 256 -39.29 29.68 -6.26
CA HIS E 256 -40.29 30.29 -7.11
C HIS E 256 -39.83 30.36 -8.57
N ILE E 257 -38.54 30.59 -8.78
CA ILE E 257 -37.98 30.50 -10.12
C ILE E 257 -38.23 29.11 -10.71
N TRP E 258 -38.02 28.08 -9.89
CA TRP E 258 -38.27 26.72 -10.33
C TRP E 258 -39.76 26.63 -10.58
N ASN E 259 -40.58 27.26 -9.74
CA ASN E 259 -42.03 27.25 -9.95
C ASN E 259 -42.47 27.86 -11.27
N GLN E 260 -41.69 28.79 -11.79
CA GLN E 260 -41.98 29.30 -13.13
C GLN E 260 -41.51 28.32 -14.19
N MET E 261 -40.32 27.75 -13.99
CA MET E 261 -39.76 26.84 -14.98
C MET E 261 -40.30 25.38 -15.00
N LYS E 262 -41.14 24.96 -14.05
CA LYS E 262 -41.63 23.57 -14.03
C LYS E 262 -42.61 23.35 -15.18
N MET E 263 -43.33 24.39 -15.54
CA MET E 263 -44.43 24.26 -16.50
C MET E 263 -43.85 23.79 -17.83
N THR E 264 -42.89 24.53 -18.35
CA THR E 264 -42.26 24.21 -19.62
C THR E 264 -40.98 23.40 -19.45
N LEU E 265 -41.11 22.11 -19.22
CA LEU E 265 -39.96 21.22 -19.13
C LEU E 265 -39.54 20.75 -20.52
N PRO E 266 -38.23 20.75 -20.80
CA PRO E 266 -37.73 20.16 -22.05
C PRO E 266 -38.22 18.73 -22.17
N SER E 267 -38.30 18.20 -23.38
CA SER E 267 -38.76 16.81 -23.49
C SER E 267 -37.58 15.88 -23.69
N ASN E 268 -36.40 16.38 -23.33
CA ASN E 268 -35.23 15.53 -23.16
C ASN E 268 -34.88 15.52 -21.68
N PHE E 269 -35.80 16.03 -20.87
CA PHE E 269 -35.59 16.18 -19.43
C PHE E 269 -35.55 14.83 -18.73
N THR E 270 -36.56 14.01 -18.98
CA THR E 270 -36.65 12.71 -18.33
C THR E 270 -36.14 11.60 -19.25
N GLU E 271 -34.81 11.52 -19.40
CA GLU E 271 -34.20 10.48 -20.24
C GLU E 271 -32.77 10.12 -19.82
N ASP E 272 -32.28 9.04 -20.44
CA ASP E 272 -30.92 8.56 -20.29
C ASP E 272 -30.15 8.65 -21.61
N LYS F 1 -11.13 -19.38 -0.59
CA LYS F 1 -12.02 -18.34 -1.09
C LYS F 1 -12.33 -18.55 -2.57
N SER F 2 -13.39 -17.92 -3.06
CA SER F 2 -13.85 -18.11 -4.43
C SER F 2 -13.48 -16.92 -5.33
N PRO F 3 -13.32 -17.16 -6.66
CA PRO F 3 -12.67 -16.26 -7.62
C PRO F 3 -13.12 -14.78 -7.62
N ALA F 4 -14.39 -14.52 -7.92
CA ALA F 4 -14.87 -13.15 -8.05
C ALA F 4 -14.61 -12.35 -6.78
N GLY F 5 -14.83 -12.98 -5.62
CA GLY F 5 -14.63 -12.31 -4.36
C GLY F 5 -13.18 -11.91 -4.12
N PHE F 6 -12.26 -12.81 -4.43
CA PHE F 6 -10.84 -12.51 -4.25
C PHE F 6 -10.38 -11.46 -5.24
N ALA F 7 -10.92 -11.51 -6.45
CA ALA F 7 -10.59 -10.52 -7.46
C ALA F 7 -11.03 -9.13 -6.99
N GLU F 8 -12.27 -9.03 -6.51
CA GLU F 8 -12.80 -7.76 -6.03
C GLU F 8 -12.03 -7.21 -4.84
N LYS F 9 -11.77 -8.06 -3.86
CA LYS F 9 -11.05 -7.63 -2.66
C LYS F 9 -9.62 -7.23 -3.02
N TYR F 10 -9.03 -7.97 -3.95
CA TYR F 10 -7.68 -7.67 -4.44
C TYR F 10 -7.63 -6.29 -5.08
N ILE F 11 -8.59 -6.03 -5.97
CA ILE F 11 -8.61 -4.76 -6.69
C ILE F 11 -8.86 -3.58 -5.74
N ILE F 12 -9.89 -3.69 -4.90
CA ILE F 12 -10.20 -2.61 -3.97
C ILE F 12 -9.03 -2.33 -3.03
N GLU F 13 -8.44 -3.39 -2.48
CA GLU F 13 -7.31 -3.24 -1.57
C GLU F 13 -6.11 -2.63 -2.28
N SER F 14 -5.91 -3.00 -3.54
CA SER F 14 -4.81 -2.49 -4.33
C SER F 14 -4.99 -1.01 -4.67
N ILE F 15 -6.24 -0.60 -4.85
CA ILE F 15 -6.55 0.81 -5.09
C ILE F 15 -6.32 1.59 -3.81
N TRP F 16 -6.65 0.96 -2.68
CA TRP F 16 -6.53 1.61 -1.39
C TRP F 16 -5.07 1.82 -0.95
N ASN F 17 -4.25 0.77 -1.08
CA ASN F 17 -2.87 0.85 -0.58
C ASN F 17 -1.92 1.60 -1.52
N GLY F 18 -2.29 1.70 -2.79
CA GLY F 18 -1.54 2.53 -3.72
C GLY F 18 -0.87 1.84 -4.90
N ARG F 19 -1.25 0.59 -5.18
CA ARG F 19 -0.69 -0.11 -6.34
C ARG F 19 -1.51 0.23 -7.59
N PHE F 20 -2.81 0.42 -7.41
CA PHE F 20 -3.64 1.00 -8.46
C PHE F 20 -4.18 2.35 -7.97
N PRO F 21 -3.31 3.36 -7.89
CA PRO F 21 -3.64 4.64 -7.24
C PRO F 21 -4.74 5.40 -7.97
N PRO F 22 -5.55 6.16 -7.21
CA PRO F 22 -6.55 7.04 -7.82
C PRO F 22 -5.86 8.05 -8.76
N GLY F 23 -6.30 8.10 -10.00
CA GLY F 23 -5.71 8.99 -10.98
C GLY F 23 -4.89 8.23 -12.01
N SER F 24 -4.55 6.98 -11.69
CA SER F 24 -3.78 6.13 -12.60
C SER F 24 -4.70 5.39 -13.56
N ILE F 25 -4.12 4.45 -14.30
CA ILE F 25 -4.91 3.62 -15.20
C ILE F 25 -4.85 2.15 -14.78
N LEU F 26 -6.01 1.55 -14.61
CA LEU F 26 -6.09 0.12 -14.33
C LEU F 26 -5.58 -0.64 -15.54
N PRO F 27 -4.72 -1.65 -15.31
CA PRO F 27 -4.17 -2.42 -16.43
C PRO F 27 -5.28 -3.09 -17.25
N ALA F 28 -4.96 -3.51 -18.47
CA ALA F 28 -5.94 -4.13 -19.35
C ALA F 28 -6.55 -5.38 -18.72
N GLU F 29 -7.78 -5.69 -19.09
CA GLU F 29 -8.51 -6.82 -18.52
C GLU F 29 -7.78 -8.14 -18.73
N ARG F 30 -7.21 -8.31 -19.93
CA ARG F 30 -6.44 -9.50 -20.27
C ARG F 30 -5.22 -9.65 -19.36
N GLU F 31 -4.69 -8.53 -18.89
CA GLU F 31 -3.52 -8.55 -18.02
C GLU F 31 -3.90 -8.86 -16.57
N LEU F 32 -5.03 -8.33 -16.10
CA LEU F 32 -5.51 -8.65 -14.76
C LEU F 32 -5.96 -10.09 -14.63
N SER F 33 -6.43 -10.66 -15.75
CA SER F 33 -6.84 -12.07 -15.72
C SER F 33 -5.68 -12.99 -15.33
N GLU F 34 -4.48 -12.68 -15.78
CA GLU F 34 -3.33 -13.51 -15.45
C GLU F 34 -2.53 -12.96 -14.28
N LEU F 35 -2.78 -11.71 -13.91
CA LEU F 35 -2.08 -11.13 -12.78
C LEU F 35 -2.75 -11.57 -11.50
N ILE F 36 -4.06 -11.76 -11.54
CA ILE F 36 -4.82 -12.13 -10.36
C ILE F 36 -4.97 -13.64 -10.27
N GLY F 37 -5.36 -14.26 -11.37
CA GLY F 37 -5.51 -15.71 -11.41
C GLY F 37 -6.94 -16.11 -11.66
N VAL F 38 -7.75 -15.15 -12.10
CA VAL F 38 -9.14 -15.41 -12.44
C VAL F 38 -9.31 -15.30 -13.94
N THR F 39 -10.32 -15.97 -14.49
CA THR F 39 -10.56 -15.91 -15.93
C THR F 39 -10.99 -14.48 -16.28
N ARG F 40 -10.95 -14.13 -17.56
CA ARG F 40 -11.25 -12.75 -17.96
C ARG F 40 -12.70 -12.38 -17.66
N THR F 41 -13.63 -13.26 -18.03
CA THR F 41 -15.05 -13.03 -17.83
C THR F 41 -15.40 -12.62 -16.39
N THR F 42 -14.98 -13.46 -15.45
CA THR F 42 -15.20 -13.23 -14.03
C THR F 42 -14.65 -11.86 -13.60
N LEU F 43 -13.43 -11.59 -14.03
CA LEU F 43 -12.77 -10.32 -13.73
C LEU F 43 -13.59 -9.17 -14.29
N ARG F 44 -14.26 -9.39 -15.41
CA ARG F 44 -15.11 -8.38 -16.03
C ARG F 44 -16.37 -8.16 -15.20
N GLU F 45 -16.91 -9.23 -14.62
CA GLU F 45 -18.07 -9.07 -13.74
C GLU F 45 -17.69 -8.24 -12.52
N VAL F 46 -16.54 -8.56 -11.94
CA VAL F 46 -15.99 -7.79 -10.83
C VAL F 46 -15.82 -6.32 -11.21
N LEU F 47 -15.27 -6.08 -12.40
CA LEU F 47 -15.01 -4.72 -12.88
C LEU F 47 -16.31 -3.96 -13.07
N GLN F 48 -17.32 -4.63 -13.59
CA GLN F 48 -18.63 -4.00 -13.79
C GLN F 48 -19.22 -3.59 -12.45
N ARG F 49 -19.13 -4.50 -11.47
CA ARG F 49 -19.62 -4.20 -10.13
C ARG F 49 -18.91 -3.00 -9.53
N LEU F 50 -17.58 -3.05 -9.52
CA LEU F 50 -16.77 -1.98 -8.93
C LEU F 50 -17.02 -0.64 -9.61
N ALA F 51 -17.12 -0.67 -10.93
CA ALA F 51 -17.39 0.52 -11.71
C ALA F 51 -18.75 1.09 -11.35
N ARG F 52 -19.71 0.21 -11.10
CA ARG F 52 -21.03 0.65 -10.68
C ARG F 52 -20.98 1.23 -9.27
N ASP F 53 -19.98 0.79 -8.49
CA ASP F 53 -19.78 1.35 -7.16
C ASP F 53 -19.02 2.67 -7.22
N GLY F 54 -18.34 2.90 -8.34
CA GLY F 54 -17.68 4.17 -8.58
C GLY F 54 -16.19 4.15 -8.35
N TRP F 55 -15.58 2.95 -8.40
CA TRP F 55 -14.15 2.83 -8.20
C TRP F 55 -13.41 3.04 -9.50
N LEU F 56 -14.11 2.80 -10.62
CA LEU F 56 -13.49 2.83 -11.93
C LEU F 56 -14.34 3.59 -12.93
N THR F 57 -13.73 3.99 -14.04
CA THR F 57 -14.46 4.52 -15.18
C THR F 57 -14.16 3.68 -16.41
N ILE F 58 -15.19 3.03 -16.95
CA ILE F 58 -15.01 2.13 -18.09
C ILE F 58 -15.72 2.61 -19.35
N GLN F 59 -15.04 2.45 -20.49
CA GLN F 59 -15.59 2.72 -21.81
C GLN F 59 -14.63 2.08 -22.81
N HIS F 60 -15.15 1.34 -23.80
CA HIS F 60 -14.25 0.47 -24.55
C HIS F 60 -13.51 1.25 -25.62
N GLY F 61 -12.29 0.81 -25.91
CA GLY F 61 -11.36 1.59 -26.71
C GLY F 61 -10.43 2.34 -25.78
N LYS F 62 -10.99 2.86 -24.70
CA LYS F 62 -10.22 3.60 -23.70
C LYS F 62 -9.74 2.65 -22.61
N PRO F 63 -8.61 2.98 -21.97
CA PRO F 63 -8.13 2.15 -20.86
C PRO F 63 -9.01 2.36 -19.64
N THR F 64 -9.21 1.32 -18.83
CA THR F 64 -9.98 1.49 -17.61
C THR F 64 -9.25 2.45 -16.68
N LYS F 65 -9.93 3.53 -16.30
CA LYS F 65 -9.29 4.53 -15.45
C LYS F 65 -9.80 4.42 -14.02
N VAL F 66 -8.85 4.40 -13.08
CA VAL F 66 -9.18 4.29 -11.67
C VAL F 66 -9.63 5.64 -11.13
N ASN F 67 -10.91 5.72 -10.80
CA ASN F 67 -11.52 6.95 -10.32
C ASN F 67 -10.89 7.47 -9.03
N GLN F 68 -11.07 8.76 -8.80
CA GLN F 68 -10.79 9.34 -7.50
C GLN F 68 -12.01 9.14 -6.62
N PHE F 69 -12.08 7.99 -5.96
CA PHE F 69 -13.19 7.69 -5.05
C PHE F 69 -13.22 8.78 -3.98
N MET F 70 -14.35 8.86 -3.25
CA MET F 70 -14.69 9.98 -2.37
C MET F 70 -15.16 11.17 -3.20
N GLU F 71 -15.03 11.06 -4.51
CA GLU F 71 -15.49 12.08 -5.44
C GLU F 71 -16.40 11.45 -6.47
N THR F 72 -16.42 10.13 -6.50
CA THR F 72 -17.25 9.38 -7.44
C THR F 72 -18.23 8.47 -6.72
N SER F 73 -17.78 7.91 -5.59
CA SER F 73 -18.58 6.93 -4.86
C SER F 73 -19.57 7.57 -3.89
N GLY F 74 -20.49 6.76 -3.38
CA GLY F 74 -21.55 7.24 -2.51
C GLY F 74 -21.39 6.84 -1.05
N LEU F 75 -22.51 6.83 -0.33
CA LEU F 75 -22.53 6.57 1.11
C LEU F 75 -22.13 5.14 1.50
N HIS F 76 -22.01 4.27 0.51
CA HIS F 76 -21.71 2.85 0.74
C HIS F 76 -20.26 2.69 1.10
N ILE F 77 -19.47 3.64 0.62
CA ILE F 77 -18.02 3.60 0.78
C ILE F 77 -17.54 3.52 2.23
N LEU F 78 -18.32 4.08 3.16
CA LEU F 78 -17.93 4.14 4.56
C LEU F 78 -17.70 2.78 5.22
N ASP F 79 -18.51 1.79 4.83
CA ASP F 79 -18.40 0.45 5.37
C ASP F 79 -17.10 -0.21 4.93
N THR F 80 -16.83 -0.16 3.63
CA THR F 80 -15.60 -0.73 3.09
C THR F 80 -14.39 0.00 3.69
N LEU F 81 -14.52 1.32 3.85
CA LEU F 81 -13.50 2.15 4.47
C LEU F 81 -13.20 1.70 5.90
N MET F 82 -14.22 1.24 6.61
CA MET F 82 -14.01 0.70 7.94
C MET F 82 -13.05 -0.49 7.92
N THR F 83 -13.14 -1.31 6.89
CA THR F 83 -12.31 -2.53 6.80
C THR F 83 -11.06 -2.34 5.93
N LEU F 84 -10.91 -1.16 5.35
CA LEU F 84 -9.70 -0.89 4.58
C LEU F 84 -8.74 -0.12 5.45
N ASP F 85 -9.26 0.74 6.30
CA ASP F 85 -8.40 1.37 7.29
C ASP F 85 -9.10 1.42 8.67
N ALA F 86 -8.95 0.32 9.40
CA ALA F 86 -9.53 0.11 10.72
C ALA F 86 -9.03 1.08 11.79
N GLU F 87 -7.77 1.47 11.66
CA GLU F 87 -7.14 2.44 12.55
C GLU F 87 -7.94 3.76 12.73
N ASN F 88 -8.66 4.20 11.70
CA ASN F 88 -9.49 5.41 11.83
C ASN F 88 -10.96 5.04 11.72
N ALA F 89 -11.25 3.76 11.93
CA ALA F 89 -12.63 3.31 12.05
C ALA F 89 -13.26 4.04 13.23
N THR F 90 -12.40 4.47 14.15
CA THR F 90 -12.78 5.33 15.26
C THR F 90 -13.52 6.56 14.75
N SER F 91 -12.93 7.24 13.76
CA SER F 91 -13.47 8.51 13.29
C SER F 91 -14.76 8.29 12.51
N ILE F 92 -14.74 7.27 11.65
CA ILE F 92 -15.87 6.95 10.77
C ILE F 92 -17.18 6.85 11.54
N VAL F 93 -17.18 6.05 12.61
CA VAL F 93 -18.37 5.88 13.42
C VAL F 93 -18.85 7.22 13.97
N GLU F 94 -17.92 8.06 14.42
CA GLU F 94 -18.30 9.34 15.00
C GLU F 94 -18.90 10.26 13.95
N ASP F 95 -18.61 9.99 12.69
CA ASP F 95 -19.32 10.68 11.61
C ASP F 95 -20.76 10.17 11.50
N LEU F 96 -20.91 8.85 11.47
CA LEU F 96 -22.22 8.23 11.35
C LEU F 96 -23.15 8.69 12.48
N LEU F 97 -22.59 8.83 13.67
CA LEU F 97 -23.36 9.31 14.81
C LEU F 97 -23.64 10.81 14.73
N ALA F 98 -22.69 11.56 14.17
CA ALA F 98 -22.85 13.01 14.11
C ALA F 98 -23.93 13.40 13.11
N ALA F 99 -23.79 12.91 11.89
CA ALA F 99 -24.76 13.15 10.83
C ALA F 99 -26.17 12.84 11.28
N ARG F 100 -26.34 11.65 11.85
CA ARG F 100 -27.65 11.21 12.34
C ARG F 100 -28.19 12.15 13.41
N THR F 101 -27.30 12.67 14.25
CA THR F 101 -27.74 13.57 15.32
C THR F 101 -28.12 14.93 14.73
N ASN F 102 -27.54 15.24 13.57
CA ASN F 102 -27.77 16.52 12.92
C ASN F 102 -29.06 16.57 12.10
N ILE F 103 -29.31 15.50 11.34
CA ILE F 103 -30.42 15.49 10.39
C ILE F 103 -31.68 14.86 10.99
N SER F 104 -31.56 14.26 12.17
CA SER F 104 -32.71 13.69 12.85
C SER F 104 -33.75 14.76 13.22
N PRO F 105 -33.31 15.94 13.74
CA PRO F 105 -34.34 16.96 13.98
C PRO F 105 -34.99 17.45 12.70
N ILE F 106 -34.36 17.21 11.55
CA ILE F 106 -34.89 17.69 10.28
C ILE F 106 -36.07 16.86 9.78
N PHE F 107 -35.89 15.56 9.62
CA PHE F 107 -36.96 14.77 9.02
C PHE F 107 -38.01 14.37 10.06
N MET F 108 -37.58 14.17 11.30
CA MET F 108 -38.49 13.79 12.37
C MET F 108 -39.49 14.90 12.62
N ARG F 109 -39.08 16.13 12.35
CA ARG F 109 -40.02 17.24 12.43
C ARG F 109 -41.10 17.07 11.36
N TYR F 110 -40.68 16.91 10.11
CA TYR F 110 -41.66 16.85 9.02
C TYR F 110 -42.52 15.60 9.14
N ALA F 111 -41.89 14.51 9.58
CA ALA F 111 -42.59 13.25 9.73
C ALA F 111 -43.66 13.37 10.80
N PHE F 112 -43.41 14.20 11.82
CA PHE F 112 -44.38 14.34 12.90
C PHE F 112 -45.51 15.27 12.48
N LYS F 113 -45.33 15.99 11.37
CA LYS F 113 -46.37 16.89 10.90
C LYS F 113 -47.22 16.28 9.80
N LEU F 114 -46.57 15.68 8.80
CA LEU F 114 -47.28 15.08 7.68
C LEU F 114 -47.98 13.77 8.02
N ASN F 115 -47.20 12.78 8.46
CA ASN F 115 -47.79 11.49 8.80
C ASN F 115 -47.66 11.18 10.29
N LYS F 116 -48.30 12.00 11.13
CA LYS F 116 -48.25 11.84 12.58
C LYS F 116 -48.70 10.45 13.02
N GLU F 117 -49.79 9.95 12.45
CA GLU F 117 -50.31 8.68 12.91
C GLU F 117 -49.47 7.52 12.44
N SER F 118 -48.95 7.59 11.22
CA SER F 118 -48.13 6.51 10.70
C SER F 118 -46.81 6.48 11.45
N ALA F 119 -46.34 7.67 11.81
CA ALA F 119 -45.12 7.84 12.58
C ALA F 119 -45.26 7.21 13.96
N GLU F 120 -46.20 7.70 14.75
CA GLU F 120 -46.44 7.11 16.07
C GLU F 120 -46.74 5.62 15.94
N ARG F 121 -47.33 5.21 14.83
CA ARG F 121 -47.65 3.79 14.64
C ARG F 121 -46.40 2.94 14.51
N ILE F 122 -45.48 3.34 13.63
CA ILE F 122 -44.26 2.57 13.46
C ILE F 122 -43.38 2.68 14.69
N MET F 123 -43.45 3.82 15.37
CA MET F 123 -42.69 4.00 16.61
C MET F 123 -43.19 3.08 17.71
N ILE F 124 -44.50 3.05 17.92
CA ILE F 124 -45.09 2.15 18.91
C ILE F 124 -44.75 0.71 18.58
N ASN F 125 -44.88 0.35 17.31
CA ASN F 125 -44.49 -0.98 16.84
C ASN F 125 -43.05 -1.30 17.25
N VAL F 126 -42.15 -0.35 17.02
CA VAL F 126 -40.75 -0.52 17.38
C VAL F 126 -40.56 -0.70 18.88
N ILE F 127 -41.15 0.20 19.66
CA ILE F 127 -40.97 0.17 21.12
C ILE F 127 -41.46 -1.13 21.76
N GLU F 128 -42.65 -1.60 21.40
CA GLU F 128 -43.15 -2.83 22.00
C GLU F 128 -42.49 -4.08 21.40
N SER F 129 -42.03 -4.01 20.16
CA SER F 129 -41.24 -5.12 19.63
C SER F 129 -39.86 -5.16 20.31
N CYS F 130 -39.48 -4.05 20.95
CA CYS F 130 -38.23 -3.97 21.68
C CYS F 130 -38.40 -4.49 23.10
N GLU F 131 -39.38 -5.37 23.30
CA GLU F 131 -39.55 -6.05 24.56
C GLU F 131 -38.90 -7.42 24.46
N ALA F 132 -37.77 -7.47 23.75
CA ALA F 132 -36.93 -8.66 23.74
C ALA F 132 -36.05 -8.73 24.99
N LEU F 133 -36.00 -7.64 25.75
CA LEU F 133 -35.20 -7.61 26.98
C LEU F 133 -35.96 -8.09 28.22
N VAL F 134 -37.18 -7.57 28.44
CA VAL F 134 -38.00 -8.00 29.58
C VAL F 134 -38.50 -9.43 29.42
N ASN F 135 -37.75 -10.25 28.70
CA ASN F 135 -38.15 -11.62 28.43
C ASN F 135 -36.96 -12.58 28.38
N ALA F 136 -37.20 -13.88 28.59
CA ALA F 136 -36.16 -14.90 28.43
C ALA F 136 -35.60 -14.80 27.00
N PRO F 137 -34.28 -14.95 26.86
CA PRO F 137 -33.53 -14.49 25.66
C PRO F 137 -33.88 -14.89 24.17
N SER F 138 -34.44 -16.04 23.79
CA SER F 138 -34.89 -16.19 22.38
C SER F 138 -36.42 -16.17 22.36
N TRP F 139 -36.89 -14.99 21.97
CA TRP F 139 -38.28 -14.53 21.99
C TRP F 139 -38.95 -14.56 20.65
N ASP F 140 -38.25 -15.12 19.69
CA ASP F 140 -38.75 -15.10 18.34
C ASP F 140 -39.86 -16.15 18.13
N ALA F 141 -40.59 -16.39 19.22
CA ALA F 141 -41.92 -17.01 19.19
C ALA F 141 -42.88 -15.97 19.80
N PHE F 142 -43.01 -14.85 19.08
CA PHE F 142 -43.78 -13.66 19.44
C PHE F 142 -43.96 -12.94 18.05
N ILE F 143 -44.87 -11.96 17.93
CA ILE F 143 -44.95 -11.06 16.75
C ILE F 143 -45.16 -11.72 15.34
N ALA F 144 -45.32 -13.06 15.26
CA ALA F 144 -45.03 -13.80 14.01
C ALA F 144 -43.60 -13.52 13.64
N ALA F 145 -42.72 -14.12 14.43
CA ALA F 145 -41.30 -13.69 14.54
C ALA F 145 -40.22 -14.29 13.69
N SER F 146 -40.38 -14.50 12.39
CA SER F 146 -39.20 -14.87 11.58
C SER F 146 -39.09 -14.32 10.12
N PRO F 147 -39.95 -13.37 9.70
CA PRO F 147 -39.44 -12.72 8.48
C PRO F 147 -38.28 -11.83 8.92
N TYR F 148 -37.18 -12.49 9.26
CA TYR F 148 -35.97 -11.85 9.69
C TYR F 148 -34.77 -12.45 8.98
N ALA F 149 -34.70 -12.45 7.66
CA ALA F 149 -33.50 -12.99 7.00
C ALA F 149 -32.24 -12.24 7.44
N GLU F 150 -32.51 -11.17 8.17
CA GLU F 150 -31.51 -10.37 8.83
C GLU F 150 -31.05 -11.10 10.14
N LYS F 151 -31.98 -11.82 10.79
CA LYS F 151 -31.79 -12.70 11.99
C LYS F 151 -30.61 -13.67 12.19
N ILE F 152 -29.67 -13.75 11.25
CA ILE F 152 -28.73 -14.87 11.33
C ILE F 152 -27.32 -14.64 11.90
N GLN F 153 -26.94 -15.58 12.74
CA GLN F 153 -25.62 -15.57 13.33
C GLN F 153 -25.08 -16.98 13.45
N GLN F 154 -23.98 -17.16 12.71
CA GLN F 154 -23.12 -18.31 12.80
C GLN F 154 -22.14 -17.98 13.90
N HIS F 155 -22.45 -18.27 15.15
CA HIS F 155 -21.35 -18.11 16.07
C HIS F 155 -20.56 -19.42 15.98
N VAL F 156 -19.30 -19.41 15.57
CA VAL F 156 -18.57 -20.70 15.61
C VAL F 156 -17.06 -20.84 15.93
N LYS F 157 -16.26 -19.84 16.23
CA LYS F 157 -15.10 -20.36 16.96
C LYS F 157 -15.30 -20.08 18.46
N GLU F 158 -15.57 -21.17 19.15
CA GLU F 158 -15.80 -21.21 20.56
C GLU F 158 -15.18 -22.56 20.81
N ASP F 159 -14.79 -22.82 22.04
CA ASP F 159 -13.92 -23.94 22.36
C ASP F 159 -14.78 -24.97 23.03
N SER F 160 -15.82 -24.44 23.66
CA SER F 160 -17.14 -25.08 23.84
C SER F 160 -18.07 -24.43 24.89
N GLU F 161 -18.56 -25.31 25.76
CA GLU F 161 -19.60 -25.08 26.76
C GLU F 161 -20.61 -23.95 26.54
N LYS F 162 -20.17 -22.71 26.33
CA LYS F 162 -21.17 -21.66 26.13
C LYS F 162 -20.99 -20.52 25.14
N ASP F 163 -21.10 -20.75 23.85
CA ASP F 163 -21.86 -19.70 23.21
C ASP F 163 -22.98 -20.25 22.30
N GLU F 164 -23.92 -20.89 22.99
CA GLU F 164 -25.32 -20.72 22.70
C GLU F 164 -25.90 -19.59 23.54
N LEU F 165 -25.20 -19.11 24.57
CA LEU F 165 -25.80 -18.01 25.34
C LEU F 165 -25.31 -16.53 25.24
N LYS F 166 -24.15 -16.23 24.67
CA LYS F 166 -23.93 -14.80 24.30
C LYS F 166 -23.91 -14.75 22.77
N ARG F 167 -24.19 -15.91 22.15
CA ARG F 167 -24.62 -15.95 20.76
C ARG F 167 -26.01 -15.32 20.73
N GLN F 168 -26.81 -15.64 21.74
CA GLN F 168 -28.15 -15.10 21.85
C GLN F 168 -28.18 -13.67 22.26
N GLU F 169 -27.14 -13.29 23.03
CA GLU F 169 -26.86 -11.89 23.42
C GLU F 169 -26.42 -11.08 22.17
N ILE F 170 -25.51 -11.63 21.35
CA ILE F 170 -25.14 -10.97 20.08
C ILE F 170 -26.40 -10.88 19.23
N LEU F 171 -27.27 -11.87 19.36
CA LEU F 171 -28.57 -11.85 18.70
C LEU F 171 -29.48 -10.77 19.29
N ILE F 172 -29.37 -10.51 20.58
CA ILE F 172 -30.15 -9.46 21.21
C ILE F 172 -29.69 -8.11 20.66
N ALA F 173 -28.38 -7.96 20.56
CA ALA F 173 -27.78 -6.77 19.98
C ALA F 173 -28.26 -6.59 18.54
N LYS F 174 -28.25 -7.67 17.78
CA LYS F 174 -28.64 -7.64 16.37
C LYS F 174 -30.10 -7.28 16.18
N THR F 175 -30.98 -7.80 17.04
CA THR F 175 -32.40 -7.51 16.89
C THR F 175 -32.70 -6.08 17.34
N PHE F 176 -32.05 -5.64 18.41
CA PHE F 176 -32.29 -4.28 18.88
C PHE F 176 -31.77 -3.27 17.86
N ASN F 177 -30.64 -3.58 17.25
CA ASN F 177 -30.11 -2.76 16.16
C ASN F 177 -31.05 -2.75 14.96
N PHE F 178 -31.60 -3.93 14.67
CA PHE F 178 -32.59 -4.09 13.61
C PHE F 178 -33.75 -3.12 13.81
N TYR F 179 -34.29 -3.08 15.02
CA TYR F 179 -35.43 -2.20 15.29
C TYR F 179 -35.05 -0.72 15.37
N ASP F 180 -33.84 -0.44 15.86
CA ASP F 180 -33.33 0.92 15.88
C ASP F 180 -33.30 1.49 14.46
N TYR F 181 -32.65 0.74 13.56
CA TYR F 181 -32.57 1.11 12.16
C TYR F 181 -33.96 1.23 11.55
N MET F 182 -34.84 0.29 11.87
CA MET F 182 -36.21 0.35 11.38
C MET F 182 -36.85 1.68 11.74
N LEU F 183 -36.68 2.08 13.00
CA LEU F 183 -37.23 3.32 13.50
C LEU F 183 -36.71 4.51 12.71
N PHE F 184 -35.39 4.68 12.69
CA PHE F 184 -34.81 5.85 12.04
C PHE F 184 -35.12 5.93 10.54
N GLN F 185 -35.03 4.80 9.86
CA GLN F 185 -35.23 4.76 8.41
C GLN F 185 -36.69 4.98 8.03
N ARG F 186 -37.59 4.24 8.68
CA ARG F 186 -39.02 4.37 8.40
C ARG F 186 -39.52 5.76 8.75
N LEU F 187 -38.99 6.34 9.82
CA LEU F 187 -39.33 7.72 10.17
C LEU F 187 -38.74 8.68 9.16
N ALA F 188 -37.62 8.29 8.55
CA ALA F 188 -36.98 9.14 7.55
C ALA F 188 -37.72 9.11 6.23
N PHE F 189 -38.53 8.08 6.01
CA PHE F 189 -39.34 8.02 4.79
C PHE F 189 -40.71 8.68 4.95
N HIS F 190 -41.24 8.70 6.16
CA HIS F 190 -42.55 9.29 6.41
C HIS F 190 -42.44 10.80 6.61
N SER F 191 -41.34 11.38 6.14
CA SER F 191 -41.13 12.82 6.20
C SER F 191 -41.61 13.51 4.92
N GLY F 192 -41.92 12.72 3.91
CA GLY F 192 -42.38 13.26 2.63
C GLY F 192 -41.22 13.52 1.68
N ASN F 193 -40.00 13.34 2.18
CA ASN F 193 -38.80 13.51 1.37
C ASN F 193 -38.04 12.19 1.30
N GLN F 194 -37.97 11.61 0.10
CA GLN F 194 -37.37 10.30 -0.08
C GLN F 194 -35.90 10.29 0.30
N ILE F 195 -35.20 11.37 -0.02
CA ILE F 195 -33.75 11.47 0.17
C ILE F 195 -33.29 11.06 1.57
N TYR F 196 -34.05 11.46 2.59
CA TYR F 196 -33.70 11.10 3.97
C TYR F 196 -33.78 9.61 4.22
N GLY F 197 -34.67 8.94 3.50
CA GLY F 197 -34.78 7.49 3.61
C GLY F 197 -33.66 6.82 2.83
N LEU F 198 -33.38 7.37 1.65
CA LEU F 198 -32.33 6.81 0.80
C LEU F 198 -30.96 6.90 1.47
N ILE F 199 -30.77 7.94 2.29
CA ILE F 199 -29.54 8.12 3.04
C ILE F 199 -29.31 6.96 3.99
N PHE F 200 -30.34 6.64 4.77
CA PHE F 200 -30.25 5.51 5.71
C PHE F 200 -30.09 4.19 4.97
N ASN F 201 -30.82 4.01 3.86
CA ASN F 201 -30.65 2.82 3.05
C ASN F 201 -29.21 2.65 2.58
N GLY F 202 -28.56 3.76 2.26
CA GLY F 202 -27.18 3.72 1.80
C GLY F 202 -26.22 3.35 2.92
N LEU F 203 -26.50 3.84 4.12
CA LEU F 203 -25.61 3.64 5.26
C LEU F 203 -25.97 2.41 6.09
N LYS F 204 -26.84 1.56 5.55
CA LYS F 204 -27.42 0.48 6.35
C LYS F 204 -26.38 -0.51 6.87
N LYS F 205 -25.38 -0.82 6.05
CA LYS F 205 -24.38 -1.81 6.44
C LYS F 205 -23.50 -1.30 7.58
N LEU F 206 -23.08 -0.03 7.49
CA LEU F 206 -22.30 0.59 8.54
C LEU F 206 -23.13 0.70 9.82
N TYR F 207 -24.40 1.06 9.64
CA TYR F 207 -25.33 1.23 10.74
C TYR F 207 -25.51 -0.09 11.49
N ASP F 208 -25.65 -1.17 10.73
CA ASP F 208 -25.85 -2.50 11.29
C ASP F 208 -24.59 -2.99 11.99
N ARG F 209 -23.44 -2.77 11.35
CA ARG F 209 -22.16 -3.17 11.93
C ARG F 209 -21.87 -2.46 13.24
N VAL F 210 -22.13 -1.16 13.31
CA VAL F 210 -21.89 -0.40 14.54
C VAL F 210 -22.91 -0.78 15.60
N GLY F 211 -24.17 -0.90 15.19
CA GLY F 211 -25.25 -1.20 16.11
C GLY F 211 -25.18 -2.57 16.73
N SER F 212 -24.67 -3.54 15.98
CA SER F 212 -24.59 -4.93 16.45
C SER F 212 -23.63 -5.08 17.62
N TYR F 213 -22.80 -4.06 17.83
CA TYR F 213 -21.91 -4.04 18.98
C TYR F 213 -22.38 -3.03 20.01
N TYR F 214 -22.88 -1.89 19.55
CA TYR F 214 -23.36 -0.85 20.46
C TYR F 214 -24.53 -1.34 21.31
N PHE F 215 -25.35 -2.22 20.74
CA PHE F 215 -26.53 -2.71 21.44
C PHE F 215 -26.29 -4.06 22.12
N SER F 216 -25.02 -4.39 22.33
CA SER F 216 -24.66 -5.55 23.14
C SER F 216 -24.50 -5.09 24.59
N ASN F 217 -24.80 -3.82 24.82
CA ASN F 217 -24.75 -3.19 26.13
C ASN F 217 -26.17 -2.81 26.52
N PRO F 218 -26.69 -3.43 27.60
CA PRO F 218 -28.08 -3.12 28.00
C PRO F 218 -28.31 -1.64 28.34
N GLN F 219 -27.31 -0.99 28.94
CA GLN F 219 -27.47 0.40 29.36
C GLN F 219 -27.68 1.33 28.16
N ALA F 220 -27.20 0.91 27.00
CA ALA F 220 -27.39 1.67 25.78
C ALA F 220 -28.80 1.44 25.25
N ARG F 221 -29.25 0.20 25.34
CA ARG F 221 -30.60 -0.17 24.91
C ARG F 221 -31.67 0.53 25.73
N GLU F 222 -31.40 0.75 27.02
CA GLU F 222 -32.38 1.37 27.90
C GLU F 222 -32.54 2.85 27.59
N LEU F 223 -31.43 3.49 27.25
CA LEU F 223 -31.45 4.86 26.78
C LEU F 223 -32.10 4.96 25.41
N ALA F 224 -31.92 3.95 24.59
CA ALA F 224 -32.52 3.93 23.26
C ALA F 224 -34.03 3.88 23.37
N MET F 225 -34.53 2.98 24.23
CA MET F 225 -35.96 2.86 24.43
C MET F 225 -36.56 4.10 25.08
N GLU F 226 -35.84 4.66 26.05
CA GLU F 226 -36.33 5.86 26.74
C GLU F 226 -36.42 7.01 25.72
N PHE F 227 -35.45 7.04 24.81
CA PHE F 227 -35.42 7.97 23.69
C PHE F 227 -36.62 7.79 22.77
N TYR F 228 -36.91 6.53 22.44
CA TYR F 228 -38.04 6.21 21.57
C TYR F 228 -39.34 6.73 22.17
N ARG F 229 -39.51 6.53 23.48
CA ARG F 229 -40.72 6.96 24.13
C ARG F 229 -40.80 8.48 24.27
N GLN F 230 -39.64 9.13 24.42
CA GLN F 230 -39.63 10.59 24.42
C GLN F 230 -40.08 11.14 23.07
N LEU F 231 -39.54 10.55 22.00
CA LEU F 231 -39.93 10.92 20.64
C LEU F 231 -41.42 10.69 20.42
N LEU F 232 -41.92 9.56 20.93
CA LEU F 232 -43.33 9.22 20.80
C LEU F 232 -44.18 10.26 21.50
N ALA F 233 -43.73 10.67 22.69
CA ALA F 233 -44.40 11.72 23.45
C ALA F 233 -44.42 13.02 22.66
N VAL F 234 -43.33 13.32 21.95
CA VAL F 234 -43.25 14.52 21.14
C VAL F 234 -44.28 14.47 20.00
N CYS F 235 -44.27 13.37 19.26
CA CYS F 235 -45.17 13.20 18.12
C CYS F 235 -46.63 13.23 18.54
N GLN F 236 -46.94 12.59 19.66
CA GLN F 236 -48.30 12.56 20.18
C GLN F 236 -48.76 13.94 20.68
N SER F 237 -47.89 14.62 21.41
CA SER F 237 -48.22 15.93 21.97
C SER F 237 -48.42 16.94 20.83
N GLY F 238 -47.56 16.85 19.82
CA GLY F 238 -47.68 17.74 18.69
C GLY F 238 -46.91 19.04 18.77
N GLU F 239 -46.21 19.27 19.87
CA GLU F 239 -45.29 20.39 19.86
C GLU F 239 -43.87 19.86 19.81
N ARG F 240 -43.23 20.26 18.74
CA ARG F 240 -41.92 19.86 18.27
C ARG F 240 -40.87 20.82 18.81
N GLU F 241 -41.22 21.50 19.90
CA GLU F 241 -40.40 22.57 20.45
C GLU F 241 -39.00 22.17 20.91
N HIS F 242 -38.81 21.03 21.59
CA HIS F 242 -37.44 20.58 21.74
C HIS F 242 -37.33 19.09 21.44
N LEU F 243 -37.97 18.74 20.34
CA LEU F 243 -37.54 17.63 19.53
C LEU F 243 -36.02 17.74 19.35
N PRO F 244 -35.51 18.95 19.00
CA PRO F 244 -34.05 18.99 18.92
C PRO F 244 -33.28 18.77 20.24
N GLN F 245 -33.77 19.26 21.38
CA GLN F 245 -33.07 19.02 22.65
C GLN F 245 -33.11 17.52 22.94
N VAL F 246 -34.28 16.89 22.78
CA VAL F 246 -34.41 15.46 22.98
C VAL F 246 -33.35 14.72 22.17
N ILE F 247 -33.30 15.05 20.88
CA ILE F 247 -32.39 14.37 19.97
C ILE F 247 -30.91 14.58 20.33
N ARG F 248 -30.53 15.77 20.79
CA ARG F 248 -29.11 15.97 21.06
C ARG F 248 -28.71 15.54 22.48
N GLN F 249 -29.69 15.46 23.40
CA GLN F 249 -29.43 14.79 24.68
C GLN F 249 -29.19 13.31 24.45
N TYR F 250 -30.00 12.69 23.58
CA TYR F 250 -29.74 11.30 23.23
C TYR F 250 -28.40 11.19 22.52
N GLY F 251 -28.09 12.20 21.71
CA GLY F 251 -26.84 12.23 20.97
C GLY F 251 -25.61 12.26 21.85
N ILE F 252 -25.61 13.11 22.86
CA ILE F 252 -24.46 13.24 23.75
C ILE F 252 -24.37 12.07 24.74
N ALA F 253 -25.53 11.60 25.20
CA ALA F 253 -25.54 10.48 26.15
C ALA F 253 -25.04 9.20 25.47
N SER F 254 -25.65 8.87 24.33
CA SER F 254 -25.19 7.74 23.53
C SER F 254 -23.76 7.99 23.07
N GLY F 255 -23.40 9.27 22.96
CA GLY F 255 -22.06 9.67 22.59
C GLY F 255 -21.04 9.22 23.61
N HIS F 256 -21.32 9.43 24.89
CA HIS F 256 -20.41 8.98 25.94
C HIS F 256 -20.48 7.47 26.17
N ILE F 257 -21.65 6.86 26.01
CA ILE F 257 -21.71 5.39 26.04
C ILE F 257 -20.76 4.81 25.00
N TRP F 258 -20.80 5.42 23.81
CA TRP F 258 -19.90 5.03 22.74
C TRP F 258 -18.48 5.37 23.17
N ASN F 259 -18.31 6.47 23.91
CA ASN F 259 -16.98 6.85 24.41
C ASN F 259 -16.35 5.84 25.36
N GLN F 260 -17.14 5.11 26.14
CA GLN F 260 -16.52 4.03 26.89
C GLN F 260 -16.37 2.76 26.06
N MET F 261 -17.38 2.45 25.23
CA MET F 261 -17.32 1.20 24.46
C MET F 261 -16.33 1.21 23.28
N LYS F 262 -15.73 2.36 22.96
CA LYS F 262 -14.81 2.44 21.82
C LYS F 262 -13.52 1.68 22.14
N MET F 263 -13.14 1.67 23.41
CA MET F 263 -11.86 1.11 23.82
C MET F 263 -11.79 -0.39 23.56
N THR F 264 -12.75 -1.14 24.07
CA THR F 264 -12.75 -2.59 23.89
C THR F 264 -13.56 -2.98 22.66
N LEU F 265 -12.96 -2.83 21.48
CA LEU F 265 -13.60 -3.23 20.23
C LEU F 265 -13.37 -4.71 19.93
N PRO F 266 -14.43 -5.40 19.48
CA PRO F 266 -14.35 -6.82 19.06
C PRO F 266 -13.31 -7.10 17.99
N SER F 267 -12.86 -8.35 17.95
CA SER F 267 -11.82 -8.80 17.02
C SER F 267 -12.33 -8.97 15.58
N ASN F 268 -13.64 -9.03 15.41
CA ASN F 268 -14.27 -9.08 14.09
C ASN F 268 -14.97 -7.81 13.65
N PHE F 269 -14.66 -6.70 14.30
CA PHE F 269 -15.37 -5.44 14.03
C PHE F 269 -15.09 -4.91 12.63
N THR F 270 -13.82 -4.81 12.27
CA THR F 270 -13.44 -4.28 10.95
C THR F 270 -13.13 -5.42 9.97
N GLU F 271 -14.19 -6.05 9.47
CA GLU F 271 -14.07 -7.18 8.54
C GLU F 271 -15.31 -7.25 7.63
N ASP F 272 -15.21 -8.04 6.56
CA ASP F 272 -16.38 -8.32 5.73
C ASP F 272 -16.64 -9.83 5.79
#